data_1MPZ
#
_entry.id   1MPZ
#
_entity_poly.entity_id   1
_entity_poly.type   'polypeptide(L)'
_entity_poly.pdbx_seq_one_letter_code
;CTTGPCCRQCKLKPAGTTCWKTSLTSHYCTGKSCDCPLYPG
;
_entity_poly.pdbx_strand_id   A
#
# COMPACT_ATOMS: atom_id res chain seq x y z
N CYS A 1 3.62 3.90 -5.09
CA CYS A 1 4.63 2.86 -4.96
C CYS A 1 3.94 1.51 -5.13
N THR A 2 4.44 0.73 -6.09
CA THR A 2 3.89 -0.57 -6.36
C THR A 2 4.96 -1.49 -6.95
N THR A 3 6.01 -1.70 -6.18
CA THR A 3 7.11 -2.54 -6.62
C THR A 3 6.67 -4.00 -6.65
N GLY A 4 6.13 -4.46 -5.52
CA GLY A 4 5.67 -5.83 -5.40
C GLY A 4 4.62 -5.96 -4.29
N PRO A 5 5.04 -6.61 -3.18
CA PRO A 5 4.15 -6.81 -2.05
C PRO A 5 3.96 -5.51 -1.26
N CYS A 6 4.55 -4.45 -1.80
CA CYS A 6 4.45 -3.14 -1.15
C CYS A 6 4.69 -3.33 0.34
N CYS A 7 3.81 -4.09 0.96
CA CYS A 7 3.92 -4.35 2.39
C CYS A 7 5.41 -4.50 2.74
N ARG A 8 5.94 -3.46 3.37
CA ARG A 8 7.34 -3.47 3.75
C ARG A 8 8.23 -3.03 2.59
N GLN A 9 7.89 -3.55 1.41
CA GLN A 9 8.65 -3.23 0.21
C GLN A 9 8.24 -1.84 -0.31
N CYS A 10 7.16 -1.81 -1.07
CA CYS A 10 6.67 -0.56 -1.62
C CYS A 10 5.38 -0.18 -0.90
N LYS A 11 5.52 0.08 0.40
CA LYS A 11 4.38 0.46 1.20
C LYS A 11 4.87 1.04 2.53
N LEU A 12 5.01 2.36 2.55
CA LEU A 12 5.47 3.04 3.74
C LEU A 12 4.30 3.82 4.36
N LYS A 13 3.14 3.69 3.73
CA LYS A 13 1.95 4.36 4.21
C LYS A 13 1.83 4.17 5.72
N PRO A 14 1.02 5.06 6.35
CA PRO A 14 0.82 5.00 7.79
C PRO A 14 -0.12 3.85 8.15
N ALA A 15 0.16 2.70 7.58
CA ALA A 15 -0.65 1.51 7.84
C ALA A 15 -2.12 1.86 7.62
N GLY A 16 -2.62 1.49 6.45
CA GLY A 16 -4.00 1.75 6.10
C GLY A 16 -4.83 0.46 6.13
N THR A 17 -5.09 -0.07 4.94
CA THR A 17 -5.86 -1.29 4.83
C THR A 17 -5.55 -2.00 3.51
N THR A 18 -6.22 -3.12 3.29
CA THR A 18 -6.02 -3.90 2.08
C THR A 18 -6.88 -3.33 0.94
N CYS A 19 -6.22 -3.06 -0.17
CA CYS A 19 -6.92 -2.52 -1.33
C CYS A 19 -7.92 -1.48 -0.86
N TRP A 20 -7.40 -0.48 -0.16
CA TRP A 20 -8.24 0.59 0.37
C TRP A 20 -7.98 1.84 -0.47
N LYS A 21 -6.80 2.40 -0.29
CA LYS A 21 -6.41 3.59 -1.02
C LYS A 21 -7.25 4.78 -0.53
N THR A 22 -6.55 5.87 -0.21
CA THR A 22 -7.21 7.07 0.27
C THR A 22 -7.57 7.99 -0.89
N SER A 23 -6.53 8.63 -1.43
CA SER A 23 -6.72 9.54 -2.54
C SER A 23 -5.58 10.56 -2.58
N LEU A 24 -4.38 10.07 -2.32
CA LEU A 24 -3.20 10.93 -2.32
C LEU A 24 -1.95 10.06 -2.28
N THR A 25 -2.00 9.04 -1.43
CA THR A 25 -0.88 8.13 -1.29
C THR A 25 -1.26 6.72 -1.74
N SER A 26 -2.23 6.15 -1.04
CA SER A 26 -2.70 4.81 -1.36
C SER A 26 -2.16 3.81 -0.33
N HIS A 27 -3.07 3.31 0.49
CA HIS A 27 -2.70 2.35 1.51
C HIS A 27 -2.57 0.95 0.88
N TYR A 28 -3.66 0.51 0.28
CA TYR A 28 -3.69 -0.80 -0.36
C TYR A 28 -2.59 -1.70 0.19
N CYS A 29 -2.57 -1.82 1.51
CA CYS A 29 -1.58 -2.65 2.17
C CYS A 29 -1.58 -2.30 3.66
N THR A 30 -0.41 -1.90 4.15
CA THR A 30 -0.26 -1.53 5.54
C THR A 30 1.19 -1.66 5.97
N GLY A 31 1.96 -2.41 5.18
CA GLY A 31 3.36 -2.62 5.47
C GLY A 31 3.58 -3.89 6.29
N LYS A 32 4.04 -4.93 5.61
CA LYS A 32 4.28 -6.20 6.27
C LYS A 32 3.80 -7.33 5.35
N SER A 33 2.59 -7.80 5.63
CA SER A 33 2.01 -8.87 4.84
C SER A 33 0.80 -8.36 4.05
N CYS A 34 1.11 -7.74 2.92
CA CYS A 34 0.06 -7.20 2.07
C CYS A 34 0.29 -7.72 0.64
N ASP A 35 -0.50 -7.18 -0.28
CA ASP A 35 -0.39 -7.58 -1.67
C ASP A 35 -1.32 -6.70 -2.52
N CYS A 36 -1.43 -5.44 -2.12
CA CYS A 36 -2.28 -4.50 -2.83
C CYS A 36 -1.42 -3.33 -3.28
N PRO A 37 -1.65 -2.90 -4.55
CA PRO A 37 -0.91 -1.79 -5.12
C PRO A 37 -1.38 -0.46 -4.54
N LEU A 38 -0.47 0.22 -3.87
CA LEU A 38 -0.78 1.51 -3.27
C LEU A 38 -0.34 2.63 -4.21
N TYR A 39 -1.08 2.76 -5.30
CA TYR A 39 -0.78 3.79 -6.28
C TYR A 39 -1.62 3.60 -7.55
N PRO A 40 -2.79 4.29 -7.57
CA PRO A 40 -3.69 4.21 -8.72
C PRO A 40 -3.14 5.01 -9.91
N GLY A 41 -2.95 4.30 -11.02
CA GLY A 41 -2.44 4.92 -12.23
C GLY A 41 -2.58 3.98 -13.42
N CYS A 1 3.22 1.50 -3.54
CA CYS A 1 3.62 2.66 -4.34
C CYS A 1 3.65 2.23 -5.81
N THR A 2 4.29 1.09 -6.05
CA THR A 2 4.38 0.56 -7.40
C THR A 2 5.28 -0.67 -7.41
N THR A 3 6.02 -0.86 -6.34
CA THR A 3 6.91 -1.99 -6.21
C THR A 3 6.15 -3.30 -6.40
N GLY A 4 6.25 -4.16 -5.40
CA GLY A 4 5.57 -5.44 -5.44
C GLY A 4 4.43 -5.49 -4.42
N PRO A 5 4.66 -6.27 -3.33
CA PRO A 5 3.66 -6.42 -2.29
C PRO A 5 3.60 -5.16 -1.41
N CYS A 6 4.37 -4.16 -1.82
CA CYS A 6 4.41 -2.90 -1.09
C CYS A 6 4.84 -3.20 0.35
N CYS A 7 4.18 -4.18 0.94
CA CYS A 7 4.49 -4.57 2.30
C CYS A 7 6.00 -4.67 2.45
N ARG A 8 6.58 -3.63 3.02
CA ARG A 8 8.02 -3.57 3.23
C ARG A 8 8.71 -2.98 1.99
N GLN A 9 8.01 -3.07 0.87
CA GLN A 9 8.55 -2.55 -0.38
C GLN A 9 8.10 -1.10 -0.58
N CYS A 10 6.98 -0.95 -1.26
CA CYS A 10 6.44 0.37 -1.52
C CYS A 10 5.12 0.52 -0.76
N LYS A 11 5.23 0.49 0.56
CA LYS A 11 4.07 0.60 1.42
C LYS A 11 4.47 1.27 2.73
N LEU A 12 5.51 2.10 2.65
CA LEU A 12 6.00 2.80 3.81
C LEU A 12 4.87 3.59 4.46
N LYS A 13 3.76 3.69 3.72
CA LYS A 13 2.61 4.42 4.19
C LYS A 13 2.42 4.15 5.69
N PRO A 14 1.65 5.06 6.34
CA PRO A 14 1.39 4.93 7.76
C PRO A 14 0.38 3.82 8.05
N ALA A 15 0.48 2.76 7.26
CA ALA A 15 -0.41 1.62 7.41
C ALA A 15 -1.85 2.09 7.18
N GLY A 16 -2.57 1.32 6.37
CA GLY A 16 -3.95 1.63 6.06
C GLY A 16 -4.79 0.36 5.92
N THR A 17 -5.45 0.25 4.79
CA THR A 17 -6.29 -0.91 4.52
C THR A 17 -5.83 -1.61 3.23
N THR A 18 -6.32 -2.83 3.05
CA THR A 18 -5.97 -3.61 1.88
C THR A 18 -6.85 -3.21 0.69
N CYS A 19 -6.22 -3.11 -0.47
CA CYS A 19 -6.93 -2.73 -1.67
C CYS A 19 -7.99 -1.71 -1.32
N TRP A 20 -7.54 -0.63 -0.68
CA TRP A 20 -8.44 0.43 -0.28
C TRP A 20 -8.09 1.68 -1.07
N LYS A 21 -6.89 2.19 -0.84
CA LYS A 21 -6.42 3.37 -1.54
C LYS A 21 -7.18 4.60 -1.00
N THR A 22 -6.41 5.51 -0.42
CA THR A 22 -7.00 6.73 0.13
C THR A 22 -7.36 7.70 -0.99
N SER A 23 -6.81 7.42 -2.18
CA SER A 23 -7.07 8.27 -3.34
C SER A 23 -5.95 9.31 -3.47
N LEU A 24 -5.13 9.39 -2.44
CA LEU A 24 -4.03 10.34 -2.45
C LEU A 24 -2.70 9.57 -2.40
N THR A 25 -2.44 8.98 -1.25
CA THR A 25 -1.21 8.22 -1.07
C THR A 25 -1.44 6.75 -1.43
N SER A 26 -2.53 6.21 -0.92
CA SER A 26 -2.88 4.82 -1.19
C SER A 26 -2.37 3.93 -0.06
N HIS A 27 -3.25 3.04 0.41
CA HIS A 27 -2.91 2.13 1.47
C HIS A 27 -2.79 0.71 0.92
N TYR A 28 -3.82 0.29 0.21
CA TYR A 28 -3.84 -1.04 -0.38
C TYR A 28 -2.91 -1.98 0.39
N CYS A 29 -2.85 -1.77 1.69
CA CYS A 29 -2.01 -2.60 2.54
C CYS A 29 -1.74 -1.83 3.84
N THR A 30 -0.86 -2.40 4.65
CA THR A 30 -0.52 -1.78 5.92
C THR A 30 0.99 -1.86 6.16
N GLY A 31 1.55 -3.02 5.84
CA GLY A 31 2.97 -3.24 6.01
C GLY A 31 3.27 -4.69 6.40
N LYS A 32 3.96 -5.38 5.52
CA LYS A 32 4.32 -6.77 5.76
C LYS A 32 3.09 -7.65 5.51
N SER A 33 2.17 -7.62 6.46
CA SER A 33 0.95 -8.40 6.35
C SER A 33 -0.08 -7.66 5.51
N CYS A 34 0.14 -7.66 4.20
CA CYS A 34 -0.76 -6.98 3.29
C CYS A 34 -0.77 -7.76 1.97
N ASP A 35 -1.22 -7.08 0.92
CA ASP A 35 -1.28 -7.69 -0.40
C ASP A 35 -2.08 -6.78 -1.33
N CYS A 36 -1.44 -5.70 -1.76
CA CYS A 36 -2.07 -4.75 -2.66
C CYS A 36 -1.17 -3.52 -2.78
N PRO A 37 -1.02 -3.05 -4.04
CA PRO A 37 -0.18 -1.89 -4.31
C PRO A 37 -0.88 -0.59 -3.87
N LEU A 38 -0.07 0.35 -3.43
CA LEU A 38 -0.61 1.62 -2.98
C LEU A 38 -0.34 2.69 -4.05
N TYR A 39 -1.19 2.69 -5.06
CA TYR A 39 -1.06 3.65 -6.14
C TYR A 39 -2.19 3.48 -7.17
N PRO A 40 -2.46 4.57 -7.92
CA PRO A 40 -3.50 4.55 -8.94
C PRO A 40 -3.04 3.78 -10.17
N GLY A 41 -1.88 4.18 -10.69
CA GLY A 41 -1.32 3.54 -11.86
C GLY A 41 -0.09 2.71 -11.50
N CYS A 1 2.59 3.91 -3.73
CA CYS A 1 3.46 2.77 -3.57
C CYS A 1 3.89 2.29 -4.95
N THR A 2 4.87 1.39 -4.96
CA THR A 2 5.38 0.86 -6.21
C THR A 2 6.70 0.11 -5.98
N THR A 3 6.57 -1.06 -5.36
CA THR A 3 7.73 -1.88 -5.07
C THR A 3 7.39 -3.37 -5.24
N GLY A 4 7.66 -4.13 -4.19
CA GLY A 4 7.39 -5.55 -4.20
C GLY A 4 5.98 -5.85 -3.68
N PRO A 5 5.92 -6.83 -2.74
CA PRO A 5 4.65 -7.22 -2.15
C PRO A 5 4.17 -6.17 -1.14
N CYS A 6 4.01 -4.94 -1.63
CA CYS A 6 3.55 -3.85 -0.80
C CYS A 6 3.23 -4.41 0.59
N CYS A 7 4.13 -4.17 1.52
CA CYS A 7 3.94 -4.64 2.89
C CYS A 7 5.31 -4.65 3.58
N ARG A 8 6.06 -3.59 3.36
CA ARG A 8 7.38 -3.47 3.96
C ARG A 8 8.29 -2.63 3.07
N GLN A 9 7.84 -2.43 1.84
CA GLN A 9 8.59 -1.65 0.87
C GLN A 9 7.66 -0.76 0.06
N CYS A 10 6.91 -1.39 -0.83
CA CYS A 10 5.98 -0.67 -1.69
C CYS A 10 5.06 0.16 -0.79
N LYS A 11 4.52 -0.51 0.22
CA LYS A 11 3.63 0.15 1.17
C LYS A 11 4.44 1.01 2.13
N LEU A 12 5.27 1.87 1.56
CA LEU A 12 6.11 2.75 2.36
C LEU A 12 5.22 3.64 3.22
N LYS A 13 3.93 3.60 2.94
CA LYS A 13 2.97 4.39 3.68
C LYS A 13 2.99 3.97 5.16
N PRO A 14 2.42 4.86 6.01
CA PRO A 14 2.37 4.60 7.44
C PRO A 14 1.30 3.55 7.76
N ALA A 15 1.21 2.56 6.90
CA ALA A 15 0.24 1.50 7.07
C ALA A 15 -1.18 2.09 7.06
N GLY A 16 -1.99 1.57 6.16
CA GLY A 16 -3.36 2.03 6.03
C GLY A 16 -4.35 0.86 6.01
N THR A 17 -4.70 0.44 4.80
CA THR A 17 -5.62 -0.66 4.63
C THR A 17 -5.36 -1.38 3.31
N THR A 18 -5.69 -2.66 3.29
CA THR A 18 -5.49 -3.47 2.10
C THR A 18 -6.53 -3.11 1.04
N CYS A 19 -6.04 -2.95 -0.18
CA CYS A 19 -6.92 -2.60 -1.30
C CYS A 19 -8.06 -1.73 -0.75
N TRP A 20 -7.68 -0.63 -0.13
CA TRP A 20 -8.66 0.30 0.43
C TRP A 20 -8.55 1.62 -0.33
N LYS A 21 -7.39 2.25 -0.20
CA LYS A 21 -7.15 3.52 -0.86
C LYS A 21 -7.93 4.62 -0.14
N THR A 22 -7.21 5.66 0.24
CA THR A 22 -7.82 6.78 0.93
C THR A 22 -7.69 8.06 0.10
N SER A 23 -8.37 9.10 0.56
CA SER A 23 -8.34 10.38 -0.13
C SER A 23 -7.07 11.14 0.23
N LEU A 24 -6.25 10.50 1.06
CA LEU A 24 -5.00 11.11 1.49
C LEU A 24 -3.83 10.36 0.84
N THR A 25 -3.91 9.04 0.89
CA THR A 25 -2.88 8.21 0.32
C THR A 25 -3.43 6.82 -0.02
N SER A 26 -3.39 6.50 -1.31
CA SER A 26 -3.89 5.21 -1.77
C SER A 26 -3.30 4.09 -0.92
N HIS A 27 -4.00 3.80 0.17
CA HIS A 27 -3.56 2.75 1.07
C HIS A 27 -4.21 1.42 0.67
N TYR A 28 -3.44 0.61 -0.06
CA TYR A 28 -3.93 -0.67 -0.50
C TYR A 28 -3.24 -1.82 0.25
N CYS A 29 -2.78 -1.49 1.45
CA CYS A 29 -2.11 -2.48 2.28
C CYS A 29 -2.05 -1.94 3.71
N THR A 30 -1.06 -2.43 4.45
CA THR A 30 -0.88 -2.00 5.82
C THR A 30 0.58 -2.19 6.26
N GLY A 31 1.18 -3.25 5.74
CA GLY A 31 2.57 -3.56 6.06
C GLY A 31 2.74 -5.04 6.37
N LYS A 32 3.57 -5.69 5.57
CA LYS A 32 3.84 -7.11 5.74
C LYS A 32 2.52 -7.88 5.64
N SER A 33 2.49 -8.82 4.71
CA SER A 33 1.31 -9.63 4.50
C SER A 33 0.33 -8.91 3.57
N CYS A 34 0.88 -8.31 2.52
CA CYS A 34 0.07 -7.59 1.56
C CYS A 34 0.82 -7.57 0.23
N ASP A 35 0.07 -7.26 -0.82
CA ASP A 35 0.65 -7.20 -2.16
C ASP A 35 -0.27 -6.38 -3.06
N CYS A 36 -0.88 -5.37 -2.47
CA CYS A 36 -1.78 -4.50 -3.22
C CYS A 36 -1.06 -3.19 -3.49
N PRO A 37 -1.39 -2.58 -4.67
CA PRO A 37 -0.77 -1.33 -5.07
C PRO A 37 -1.35 -0.16 -4.27
N LEU A 38 -0.45 0.62 -3.68
CA LEU A 38 -0.85 1.77 -2.88
C LEU A 38 -0.53 3.05 -3.65
N TYR A 39 -0.67 2.97 -4.97
CA TYR A 39 -0.40 4.10 -5.83
C TYR A 39 -1.31 5.29 -5.46
N PRO A 40 -0.66 6.38 -4.96
CA PRO A 40 -1.39 7.57 -4.58
C PRO A 40 -1.84 8.36 -5.81
N GLY A 41 -0.86 8.89 -6.53
CA GLY A 41 -1.14 9.67 -7.72
C GLY A 41 -0.14 9.34 -8.83
N CYS A 1 2.94 3.12 -4.77
CA CYS A 1 4.04 2.34 -5.32
C CYS A 1 3.51 0.93 -5.63
N THR A 2 4.21 0.27 -6.55
CA THR A 2 3.83 -1.08 -6.94
C THR A 2 5.07 -1.94 -7.14
N THR A 3 6.18 -1.47 -6.58
CA THR A 3 7.44 -2.19 -6.71
C THR A 3 7.21 -3.70 -6.56
N GLY A 4 6.78 -4.08 -5.37
CA GLY A 4 6.53 -5.47 -5.07
C GLY A 4 5.21 -5.65 -4.32
N PRO A 5 5.30 -6.35 -3.15
CA PRO A 5 4.13 -6.59 -2.33
C PRO A 5 3.72 -5.33 -1.58
N CYS A 6 4.30 -4.20 -2.00
CA CYS A 6 4.00 -2.92 -1.38
C CYS A 6 4.42 -3.00 0.09
N CYS A 7 3.94 -4.05 0.76
CA CYS A 7 4.27 -4.25 2.15
C CYS A 7 5.77 -4.09 2.34
N ARG A 8 6.13 -3.16 3.20
CA ARG A 8 7.54 -2.90 3.48
C ARG A 8 8.21 -2.28 2.26
N GLN A 9 7.41 -2.06 1.23
CA GLN A 9 7.91 -1.46 0.00
C GLN A 9 7.05 -0.26 -0.41
N CYS A 10 6.03 -0.55 -1.22
CA CYS A 10 5.12 0.48 -1.68
C CYS A 10 4.31 0.98 -0.49
N LYS A 11 4.16 0.11 0.49
CA LYS A 11 3.42 0.44 1.69
C LYS A 11 4.30 1.25 2.64
N LEU A 12 5.12 2.10 2.05
CA LEU A 12 6.02 2.93 2.82
C LEU A 12 5.21 3.75 3.83
N LYS A 13 3.90 3.60 3.75
CA LYS A 13 3.01 4.32 4.64
C LYS A 13 2.74 3.47 5.88
N PRO A 14 2.32 4.15 6.98
CA PRO A 14 2.03 3.47 8.22
C PRO A 14 0.69 2.73 8.15
N ALA A 15 0.58 1.89 7.12
CA ALA A 15 -0.64 1.12 6.92
C ALA A 15 -1.80 2.07 6.60
N GLY A 16 -2.94 1.48 6.31
CA GLY A 16 -4.12 2.27 5.98
C GLY A 16 -5.14 1.42 5.21
N THR A 17 -5.34 0.20 5.69
CA THR A 17 -6.28 -0.71 5.06
C THR A 17 -5.61 -1.42 3.87
N THR A 18 -6.36 -2.33 3.27
CA THR A 18 -5.87 -3.08 2.13
C THR A 18 -6.75 -2.82 0.90
N CYS A 19 -6.09 -2.83 -0.26
CA CYS A 19 -6.79 -2.59 -1.50
C CYS A 19 -7.89 -1.56 -1.26
N TRP A 20 -7.45 -0.36 -0.88
CA TRP A 20 -8.38 0.72 -0.60
C TRP A 20 -7.92 1.95 -1.38
N LYS A 21 -6.73 2.41 -1.03
CA LYS A 21 -6.16 3.58 -1.69
C LYS A 21 -6.90 4.83 -1.22
N THR A 22 -6.15 5.77 -0.67
CA THR A 22 -6.72 7.01 -0.18
C THR A 22 -6.58 8.11 -1.23
N SER A 23 -7.19 9.24 -0.95
CA SER A 23 -7.14 10.38 -1.86
C SER A 23 -6.03 11.34 -1.44
N LEU A 24 -5.18 10.86 -0.53
CA LEU A 24 -4.08 11.66 -0.04
C LEU A 24 -2.76 11.00 -0.46
N THR A 25 -2.67 9.71 -0.19
CA THR A 25 -1.47 8.96 -0.53
C THR A 25 -1.83 7.78 -1.44
N SER A 26 -2.25 6.69 -0.81
CA SER A 26 -2.61 5.50 -1.54
C SER A 26 -2.37 4.25 -0.68
N HIS A 27 -3.42 3.85 0.02
CA HIS A 27 -3.34 2.69 0.89
C HIS A 27 -3.67 1.43 0.09
N TYR A 28 -3.38 0.28 0.69
CA TYR A 28 -3.64 -0.99 0.05
C TYR A 28 -2.92 -2.12 0.78
N CYS A 29 -2.68 -1.90 2.06
CA CYS A 29 -2.00 -2.90 2.88
C CYS A 29 -1.77 -2.30 4.27
N THR A 30 -0.92 -2.97 5.03
CA THR A 30 -0.59 -2.51 6.37
C THR A 30 0.92 -2.39 6.55
N GLY A 31 1.62 -3.38 6.01
CA GLY A 31 3.07 -3.39 6.10
C GLY A 31 3.58 -4.74 6.60
N LYS A 32 4.22 -5.48 5.71
CA LYS A 32 4.75 -6.79 6.05
C LYS A 32 4.62 -7.72 4.84
N SER A 33 3.59 -8.55 4.89
CA SER A 33 3.35 -9.50 3.81
C SER A 33 1.91 -9.34 3.29
N CYS A 34 1.68 -8.23 2.61
CA CYS A 34 0.38 -7.94 2.06
C CYS A 34 0.35 -8.41 0.61
N ASP A 35 -0.75 -8.09 -0.07
CA ASP A 35 -0.90 -8.47 -1.46
C ASP A 35 -1.76 -7.43 -2.18
N CYS A 36 -1.59 -6.18 -1.75
CA CYS A 36 -2.35 -5.09 -2.35
C CYS A 36 -1.41 -3.89 -2.50
N PRO A 37 -1.12 -3.55 -3.79
CA PRO A 37 -0.24 -2.43 -4.09
C PRO A 37 -0.96 -1.10 -3.86
N LEU A 38 -0.31 -0.25 -3.08
CA LEU A 38 -0.87 1.06 -2.78
C LEU A 38 -0.35 2.08 -3.79
N TYR A 39 -1.26 2.53 -4.64
CA TYR A 39 -0.90 3.50 -5.67
C TYR A 39 -0.23 2.82 -6.86
N PRO A 40 -0.57 3.32 -8.08
CA PRO A 40 -0.01 2.77 -9.29
C PRO A 40 1.44 3.24 -9.49
N GLY A 41 2.13 2.58 -10.41
CA GLY A 41 3.50 2.91 -10.70
C GLY A 41 3.82 2.73 -12.18
N CYS A 1 1.13 0.23 -6.93
CA CYS A 1 2.12 -0.19 -5.95
C CYS A 1 3.21 0.88 -5.88
N THR A 2 4.34 0.50 -5.32
CA THR A 2 5.46 1.42 -5.18
C THR A 2 6.78 0.68 -5.39
N THR A 3 6.92 -0.43 -4.68
CA THR A 3 8.12 -1.25 -4.77
C THR A 3 7.78 -2.64 -5.30
N GLY A 4 7.46 -3.53 -4.37
CA GLY A 4 7.13 -4.90 -4.73
C GLY A 4 5.80 -5.31 -4.09
N PRO A 5 5.91 -6.07 -2.97
CA PRO A 5 4.73 -6.54 -2.26
C PRO A 5 4.07 -5.40 -1.48
N CYS A 6 4.79 -4.29 -1.40
CA CYS A 6 4.28 -3.13 -0.68
C CYS A 6 4.37 -3.43 0.82
N CYS A 7 3.73 -4.53 1.21
CA CYS A 7 3.71 -4.93 2.60
C CYS A 7 5.16 -4.98 3.10
N ARG A 8 5.77 -3.81 3.20
CA ARG A 8 7.14 -3.70 3.65
C ARG A 8 7.93 -2.73 2.77
N GLN A 9 7.38 -2.49 1.58
CA GLN A 9 8.01 -1.59 0.63
C GLN A 9 6.97 -0.70 -0.04
N CYS A 10 6.42 -1.22 -1.13
CA CYS A 10 5.40 -0.50 -1.87
C CYS A 10 4.46 0.17 -0.87
N LYS A 11 4.37 -0.44 0.30
CA LYS A 11 3.50 0.08 1.35
C LYS A 11 4.32 0.96 2.29
N LEU A 12 5.33 1.61 1.72
CA LEU A 12 6.20 2.49 2.49
C LEU A 12 5.34 3.30 3.46
N LYS A 13 4.13 3.60 3.04
CA LYS A 13 3.21 4.37 3.86
C LYS A 13 3.10 3.72 5.24
N PRO A 14 2.56 4.51 6.20
CA PRO A 14 2.39 4.02 7.57
C PRO A 14 1.22 3.04 7.65
N ALA A 15 0.77 2.59 6.48
CA ALA A 15 -0.34 1.66 6.42
C ALA A 15 -1.63 2.39 6.76
N GLY A 16 -2.68 2.06 6.01
CA GLY A 16 -3.98 2.68 6.21
C GLY A 16 -5.08 1.62 6.27
N THR A 17 -5.22 0.89 5.17
CA THR A 17 -6.23 -0.15 5.08
C THR A 17 -5.85 -1.17 4.00
N THR A 18 -6.39 -2.37 4.16
CA THR A 18 -6.12 -3.43 3.21
C THR A 18 -6.89 -3.19 1.90
N CYS A 19 -6.13 -3.10 0.81
CA CYS A 19 -6.72 -2.87 -0.49
C CYS A 19 -7.92 -1.95 -0.32
N TRP A 20 -7.64 -0.75 0.17
CA TRP A 20 -8.69 0.24 0.39
C TRP A 20 -8.42 1.42 -0.54
N LYS A 21 -7.27 2.04 -0.36
CA LYS A 21 -6.89 3.18 -1.18
C LYS A 21 -7.39 4.46 -0.51
N THR A 22 -6.46 5.39 -0.31
CA THR A 22 -6.80 6.66 0.31
C THR A 22 -7.41 7.61 -0.72
N SER A 23 -7.86 7.02 -1.83
CA SER A 23 -8.47 7.81 -2.88
C SER A 23 -7.40 8.64 -3.60
N LEU A 24 -6.17 8.45 -3.16
CA LEU A 24 -5.05 9.18 -3.75
C LEU A 24 -3.75 8.42 -3.48
N THR A 25 -3.22 8.63 -2.28
CA THR A 25 -1.99 7.96 -1.89
C THR A 25 -2.06 6.47 -2.18
N SER A 26 -3.20 5.88 -1.83
CA SER A 26 -3.42 4.47 -2.05
C SER A 26 -2.85 3.66 -0.88
N HIS A 27 -3.71 3.46 0.12
CA HIS A 27 -3.30 2.70 1.30
C HIS A 27 -3.55 1.21 1.07
N TYR A 28 -3.85 0.89 -0.18
CA TYR A 28 -4.11 -0.50 -0.54
C TYR A 28 -2.99 -1.41 -0.06
N CYS A 29 -3.10 -1.81 1.21
CA CYS A 29 -2.10 -2.68 1.81
C CYS A 29 -2.27 -2.62 3.33
N THR A 30 -1.20 -2.97 4.03
CA THR A 30 -1.21 -2.96 5.48
C THR A 30 0.20 -2.81 6.02
N GLY A 31 1.12 -3.54 5.39
CA GLY A 31 2.52 -3.51 5.80
C GLY A 31 2.93 -4.82 6.45
N LYS A 32 3.74 -5.58 5.73
CA LYS A 32 4.21 -6.86 6.22
C LYS A 32 3.82 -7.96 5.23
N SER A 33 2.66 -8.55 5.49
CA SER A 33 2.15 -9.61 4.63
C SER A 33 0.96 -9.11 3.82
N CYS A 34 1.26 -8.49 2.69
CA CYS A 34 0.24 -7.96 1.81
C CYS A 34 0.67 -8.16 0.37
N ASP A 35 0.20 -7.27 -0.50
CA ASP A 35 0.54 -7.34 -1.91
C ASP A 35 -0.43 -6.46 -2.71
N CYS A 36 -0.71 -5.29 -2.15
CA CYS A 36 -1.60 -4.35 -2.79
C CYS A 36 -0.81 -3.11 -3.19
N PRO A 37 -1.26 -2.47 -4.30
CA PRO A 37 -0.59 -1.27 -4.78
C PRO A 37 -0.92 -0.06 -3.91
N LEU A 38 0.08 0.76 -3.67
CA LEU A 38 -0.09 1.94 -2.86
C LEU A 38 0.52 3.15 -3.58
N TYR A 39 -0.16 3.58 -4.62
CA TYR A 39 0.30 4.72 -5.41
C TYR A 39 -0.71 5.06 -6.51
N PRO A 40 -0.78 6.39 -6.81
CA PRO A 40 -1.70 6.87 -7.83
C PRO A 40 -1.18 6.55 -9.23
N GLY A 41 -2.02 5.89 -10.02
CA GLY A 41 -1.66 5.53 -11.37
C GLY A 41 -2.36 4.24 -11.80
N CYS A 1 3.64 2.53 -4.11
CA CYS A 1 4.70 2.12 -5.02
C CYS A 1 4.23 0.87 -5.77
N THR A 2 5.20 0.22 -6.41
CA THR A 2 4.89 -1.00 -7.16
C THR A 2 6.08 -1.96 -7.10
N THR A 3 6.99 -1.69 -6.17
CA THR A 3 8.17 -2.52 -6.00
C THR A 3 7.77 -3.99 -5.90
N GLY A 4 7.31 -4.36 -4.72
CA GLY A 4 6.88 -5.73 -4.47
C GLY A 4 5.47 -5.78 -3.89
N PRO A 5 5.31 -6.62 -2.82
CA PRO A 5 4.03 -6.76 -2.17
C PRO A 5 3.72 -5.53 -1.29
N CYS A 6 4.17 -4.39 -1.77
CA CYS A 6 3.96 -3.15 -1.04
C CYS A 6 4.54 -3.30 0.36
N CYS A 7 4.05 -4.32 1.06
CA CYS A 7 4.51 -4.58 2.42
C CYS A 7 6.04 -4.65 2.39
N ARG A 8 6.65 -3.54 2.75
CA ARG A 8 8.11 -3.46 2.77
C ARG A 8 8.62 -2.54 1.66
N GLN A 9 7.67 -1.90 0.99
CA GLN A 9 8.00 -0.99 -0.09
C GLN A 9 6.87 0.01 -0.32
N CYS A 10 5.90 -0.41 -1.13
CA CYS A 10 4.75 0.43 -1.42
C CYS A 10 4.05 0.78 -0.11
N LYS A 11 4.26 -0.08 0.88
CA LYS A 11 3.65 0.12 2.18
C LYS A 11 4.46 1.16 2.96
N LEU A 12 5.43 1.75 2.27
CA LEU A 12 6.27 2.77 2.88
C LEU A 12 5.43 3.64 3.81
N LYS A 13 4.16 3.81 3.43
CA LYS A 13 3.25 4.61 4.21
C LYS A 13 3.06 3.97 5.59
N PRO A 14 2.44 4.75 6.52
CA PRO A 14 2.19 4.27 7.86
C PRO A 14 1.04 3.26 7.88
N ALA A 15 1.04 2.38 6.89
CA ALA A 15 0.00 1.37 6.78
C ALA A 15 -1.36 2.05 6.72
N GLY A 16 -2.27 1.41 6.01
CA GLY A 16 -3.61 1.94 5.85
C GLY A 16 -4.66 0.82 5.93
N THR A 17 -5.22 0.50 4.77
CA THR A 17 -6.23 -0.54 4.68
C THR A 17 -5.91 -1.49 3.53
N THR A 18 -6.51 -2.67 3.59
CA THR A 18 -6.31 -3.67 2.56
C THR A 18 -6.93 -3.22 1.24
N CYS A 19 -6.08 -3.07 0.24
CA CYS A 19 -6.54 -2.65 -1.08
C CYS A 19 -7.82 -1.84 -0.91
N TRP A 20 -7.67 -0.68 -0.28
CA TRP A 20 -8.81 0.19 -0.04
C TRP A 20 -8.29 1.46 0.66
N LYS A 21 -7.96 2.45 -0.15
CA LYS A 21 -7.45 3.70 0.38
C LYS A 21 -7.32 4.71 -0.77
N THR A 22 -6.07 5.06 -1.06
CA THR A 22 -5.80 6.02 -2.13
C THR A 22 -6.63 7.28 -1.93
N SER A 23 -6.51 8.18 -2.91
CA SER A 23 -7.24 9.44 -2.86
C SER A 23 -6.64 10.35 -1.78
N LEU A 24 -5.56 9.87 -1.17
CA LEU A 24 -4.88 10.62 -0.13
C LEU A 24 -3.40 10.25 -0.12
N THR A 25 -3.15 8.98 -0.35
CA THR A 25 -1.77 8.48 -0.37
C THR A 25 -1.70 7.15 -1.13
N SER A 26 -2.64 6.28 -0.83
CA SER A 26 -2.69 4.98 -1.48
C SER A 26 -2.07 3.91 -0.56
N HIS A 27 -2.91 3.34 0.28
CA HIS A 27 -2.44 2.31 1.21
C HIS A 27 -2.68 0.93 0.59
N TYR A 28 -3.91 0.72 0.16
CA TYR A 28 -4.28 -0.56 -0.45
C TYR A 28 -3.30 -1.67 -0.05
N CYS A 29 -3.26 -1.93 1.25
CA CYS A 29 -2.38 -2.96 1.78
C CYS A 29 -2.57 -3.03 3.29
N THR A 30 -1.49 -3.36 3.99
CA THR A 30 -1.53 -3.47 5.43
C THR A 30 -0.11 -3.43 6.01
N GLY A 31 0.83 -3.08 5.15
CA GLY A 31 2.22 -3.00 5.55
C GLY A 31 2.69 -4.32 6.16
N LYS A 32 3.74 -4.88 5.56
CA LYS A 32 4.29 -6.14 6.02
C LYS A 32 3.39 -7.28 5.57
N SER A 33 2.20 -7.35 6.16
CA SER A 33 1.26 -8.39 5.82
C SER A 33 0.13 -7.81 4.97
N CYS A 34 0.36 -7.78 3.66
CA CYS A 34 -0.62 -7.25 2.73
C CYS A 34 -0.33 -7.84 1.35
N ASP A 35 -0.93 -7.22 0.35
CA ASP A 35 -0.75 -7.66 -1.03
C ASP A 35 -1.56 -6.76 -1.96
N CYS A 36 -1.11 -5.53 -2.07
CA CYS A 36 -1.79 -4.57 -2.93
C CYS A 36 -0.91 -3.32 -3.04
N PRO A 37 -1.08 -2.59 -4.17
CA PRO A 37 -0.33 -1.37 -4.41
C PRO A 37 -0.82 -0.23 -3.53
N LEU A 38 0.12 0.50 -2.97
CA LEU A 38 -0.21 1.63 -2.12
C LEU A 38 0.20 2.94 -2.81
N TYR A 39 -0.19 3.05 -4.07
CA TYR A 39 0.13 4.23 -4.85
C TYR A 39 -0.27 4.04 -6.32
N PRO A 40 -0.61 5.18 -6.97
CA PRO A 40 -1.00 5.16 -8.38
C PRO A 40 0.21 4.94 -9.28
N GLY A 41 -0.08 4.67 -10.55
CA GLY A 41 0.97 4.45 -11.52
C GLY A 41 1.09 2.97 -11.88
N CYS A 1 0.94 -0.33 -5.93
CA CYS A 1 2.18 -0.64 -5.24
C CYS A 1 3.09 0.59 -5.31
N THR A 2 4.08 0.61 -4.44
CA THR A 2 5.03 1.72 -4.39
C THR A 2 6.45 1.21 -4.67
N THR A 3 6.79 0.10 -4.03
CA THR A 3 8.11 -0.49 -4.20
C THR A 3 7.99 -1.86 -4.86
N GLY A 4 7.67 -2.85 -4.05
CA GLY A 4 7.53 -4.21 -4.54
C GLY A 4 6.08 -4.67 -4.47
N PRO A 5 5.87 -5.81 -3.74
CA PRO A 5 4.53 -6.36 -3.59
C PRO A 5 3.71 -5.53 -2.60
N CYS A 6 4.42 -4.78 -1.76
CA CYS A 6 3.78 -3.95 -0.77
C CYS A 6 3.70 -4.73 0.54
N CYS A 7 3.72 -4.00 1.63
CA CYS A 7 3.66 -4.61 2.96
C CYS A 7 5.08 -4.80 3.46
N ARG A 8 5.95 -3.89 3.05
CA ARG A 8 7.35 -3.95 3.46
C ARG A 8 8.17 -2.89 2.72
N GLN A 9 7.53 -2.28 1.73
CA GLN A 9 8.17 -1.24 0.94
C GLN A 9 7.17 -0.61 -0.03
N CYS A 10 6.35 -1.46 -0.61
CA CYS A 10 5.34 -0.99 -1.55
C CYS A 10 4.19 -0.37 -0.76
N LYS A 11 4.30 -0.47 0.55
CA LYS A 11 3.27 0.08 1.43
C LYS A 11 3.93 0.96 2.50
N LEU A 12 5.11 1.47 2.15
CA LEU A 12 5.86 2.32 3.07
C LEU A 12 4.88 3.20 3.85
N LYS A 13 3.77 3.52 3.20
CA LYS A 13 2.75 4.34 3.83
C LYS A 13 2.64 3.96 5.31
N PRO A 14 2.11 4.93 6.12
CA PRO A 14 1.93 4.70 7.54
C PRO A 14 0.75 3.79 7.80
N ALA A 15 0.76 2.63 7.16
CA ALA A 15 -0.30 1.67 7.32
C ALA A 15 -1.62 2.29 6.85
N GLY A 16 -2.39 1.50 6.12
CA GLY A 16 -3.66 1.96 5.60
C GLY A 16 -4.39 0.83 4.86
N THR A 17 -5.10 0.02 5.61
CA THR A 17 -5.84 -1.09 5.04
C THR A 17 -4.94 -1.90 4.10
N THR A 18 -5.54 -2.93 3.51
CA THR A 18 -4.82 -3.78 2.59
C THR A 18 -5.43 -3.70 1.19
N CYS A 19 -6.30 -2.73 1.01
CA CYS A 19 -6.97 -2.54 -0.27
C CYS A 19 -8.06 -1.48 -0.08
N TRP A 20 -7.63 -0.27 0.19
CA TRP A 20 -8.56 0.84 0.38
C TRP A 20 -8.26 1.89 -0.68
N LYS A 21 -7.09 2.50 -0.55
CA LYS A 21 -6.67 3.54 -1.49
C LYS A 21 -7.46 4.82 -1.21
N THR A 22 -6.71 5.87 -0.87
CA THR A 22 -7.31 7.15 -0.58
C THR A 22 -6.96 8.17 -1.67
N SER A 23 -7.42 9.40 -1.44
CA SER A 23 -7.17 10.46 -2.40
C SER A 23 -5.85 11.16 -2.06
N LEU A 24 -5.30 10.81 -0.90
CA LEU A 24 -4.04 11.39 -0.46
C LEU A 24 -2.93 10.36 -0.62
N THR A 25 -3.31 9.10 -0.42
CA THR A 25 -2.34 8.02 -0.54
C THR A 25 -3.07 6.68 -0.72
N SER A 26 -2.80 6.04 -1.84
CA SER A 26 -3.41 4.75 -2.14
C SER A 26 -3.13 3.76 -1.01
N HIS A 27 -3.93 3.88 0.04
CA HIS A 27 -3.78 3.00 1.19
C HIS A 27 -4.31 1.60 0.85
N TYR A 28 -3.44 0.80 0.27
CA TYR A 28 -3.79 -0.56 -0.11
C TYR A 28 -2.80 -1.57 0.46
N CYS A 29 -2.47 -1.37 1.72
CA CYS A 29 -1.54 -2.26 2.40
C CYS A 29 -1.21 -1.66 3.77
N THR A 30 -0.59 -2.48 4.60
CA THR A 30 -0.21 -2.05 5.94
C THR A 30 1.28 -2.25 6.17
N GLY A 31 1.72 -3.49 6.00
CA GLY A 31 3.12 -3.82 6.19
C GLY A 31 3.30 -5.32 6.44
N LYS A 32 3.86 -5.99 5.44
CA LYS A 32 4.10 -7.43 5.54
C LYS A 32 2.75 -8.14 5.67
N SER A 33 2.54 -9.09 4.77
CA SER A 33 1.31 -9.87 4.78
C SER A 33 0.28 -9.21 3.86
N CYS A 34 0.79 -8.38 2.95
CA CYS A 34 -0.08 -7.69 2.01
C CYS A 34 0.49 -7.89 0.61
N ASP A 35 -0.24 -7.37 -0.38
CA ASP A 35 0.17 -7.48 -1.76
C ASP A 35 -0.71 -6.58 -2.63
N CYS A 36 -1.30 -5.58 -1.99
CA CYS A 36 -2.16 -4.66 -2.69
C CYS A 36 -1.35 -3.42 -3.09
N PRO A 37 -1.67 -2.88 -4.29
CA PRO A 37 -0.97 -1.72 -4.79
C PRO A 37 -1.42 -0.45 -4.06
N LEU A 38 -0.43 0.33 -3.62
CA LEU A 38 -0.71 1.56 -2.90
C LEU A 38 -0.38 2.75 -3.81
N TYR A 39 -0.99 2.76 -4.98
CA TYR A 39 -0.77 3.83 -5.93
C TYR A 39 -1.79 3.77 -7.08
N PRO A 40 -2.12 4.97 -7.62
CA PRO A 40 -3.07 5.07 -8.71
C PRO A 40 -2.45 4.59 -10.03
N GLY A 41 -2.12 3.31 -10.06
CA GLY A 41 -1.52 2.72 -11.25
C GLY A 41 -1.46 1.19 -11.13
N CYS A 1 2.46 3.12 -4.42
CA CYS A 1 3.85 2.71 -4.43
C CYS A 1 4.17 2.08 -5.79
N THR A 2 4.81 0.93 -5.74
CA THR A 2 5.18 0.23 -6.96
C THR A 2 6.35 -0.72 -6.70
N THR A 3 6.79 -0.73 -5.45
CA THR A 3 7.89 -1.60 -5.05
C THR A 3 7.55 -3.06 -5.31
N GLY A 4 7.20 -3.75 -4.24
CA GLY A 4 6.84 -5.16 -4.33
C GLY A 4 5.48 -5.42 -3.69
N PRO A 5 5.49 -6.26 -2.62
CA PRO A 5 4.27 -6.59 -1.92
C PRO A 5 3.79 -5.42 -1.05
N CYS A 6 4.42 -4.28 -1.26
CA CYS A 6 4.07 -3.08 -0.50
C CYS A 6 4.33 -3.36 0.98
N CYS A 7 3.69 -4.41 1.47
CA CYS A 7 3.83 -4.79 2.87
C CYS A 7 5.32 -4.84 3.20
N ARG A 8 5.92 -3.67 3.29
CA ARG A 8 7.34 -3.57 3.60
C ARG A 8 8.13 -3.17 2.35
N GLN A 9 7.45 -3.23 1.22
CA GLN A 9 8.07 -2.87 -0.06
C GLN A 9 7.03 -2.32 -1.02
N CYS A 10 6.66 -1.07 -0.79
CA CYS A 10 5.68 -0.40 -1.63
C CYS A 10 4.63 0.24 -0.73
N LYS A 11 4.44 -0.36 0.44
CA LYS A 11 3.48 0.15 1.39
C LYS A 11 4.18 1.11 2.35
N LEU A 12 5.26 1.71 1.86
CA LEU A 12 6.03 2.65 2.66
C LEU A 12 5.08 3.48 3.53
N LYS A 13 3.88 3.69 3.00
CA LYS A 13 2.88 4.45 3.71
C LYS A 13 2.88 4.06 5.18
N PRO A 14 2.25 4.93 6.01
CA PRO A 14 2.18 4.68 7.44
C PRO A 14 1.15 3.59 7.76
N ALA A 15 1.21 2.53 6.97
CA ALA A 15 0.30 1.41 7.15
C ALA A 15 -1.14 1.90 7.00
N GLY A 16 -1.80 1.39 5.96
CA GLY A 16 -3.18 1.78 5.69
C GLY A 16 -4.12 0.58 5.86
N THR A 17 -4.77 0.22 4.76
CA THR A 17 -5.69 -0.90 4.77
C THR A 17 -5.62 -1.66 3.44
N THR A 18 -5.46 -2.97 3.56
CA THR A 18 -5.39 -3.82 2.38
C THR A 18 -6.30 -3.28 1.27
N CYS A 19 -5.72 -3.15 0.09
CA CYS A 19 -6.46 -2.65 -1.06
C CYS A 19 -7.59 -1.76 -0.54
N TRP A 20 -7.19 -0.74 0.22
CA TRP A 20 -8.16 0.19 0.78
C TRP A 20 -8.19 1.42 -0.12
N LYS A 21 -7.04 2.08 -0.21
CA LYS A 21 -6.93 3.28 -1.03
C LYS A 21 -7.60 4.45 -0.32
N THR A 22 -6.82 5.48 -0.07
CA THR A 22 -7.33 6.67 0.60
C THR A 22 -8.22 7.48 -0.34
N SER A 23 -8.14 8.79 -0.19
CA SER A 23 -8.93 9.69 -1.03
C SER A 23 -8.02 10.42 -2.01
N LEU A 24 -6.84 9.85 -2.21
CA LEU A 24 -5.87 10.43 -3.13
C LEU A 24 -4.64 9.53 -3.22
N THR A 25 -3.92 9.46 -2.10
CA THR A 25 -2.72 8.63 -2.04
C THR A 25 -3.04 7.21 -2.50
N SER A 26 -3.24 6.34 -1.52
CA SER A 26 -3.54 4.95 -1.80
C SER A 26 -3.02 4.06 -0.67
N HIS A 27 -3.93 3.72 0.25
CA HIS A 27 -3.58 2.87 1.38
C HIS A 27 -3.83 1.41 1.02
N TYR A 28 -3.64 1.10 -0.26
CA TYR A 28 -3.85 -0.27 -0.73
C TYR A 28 -2.86 -1.22 -0.08
N CYS A 29 -2.80 -1.16 1.24
CA CYS A 29 -1.90 -2.02 2.00
C CYS A 29 -1.99 -1.64 3.47
N THR A 30 -1.36 -2.45 4.30
CA THR A 30 -1.37 -2.21 5.73
C THR A 30 0.06 -2.20 6.28
N GLY A 31 0.84 -3.19 5.83
CA GLY A 31 2.22 -3.30 6.26
C GLY A 31 2.54 -4.73 6.70
N LYS A 32 3.34 -5.40 5.89
CA LYS A 32 3.73 -6.77 6.17
C LYS A 32 2.51 -7.68 6.03
N SER A 33 2.55 -8.54 5.03
CA SER A 33 1.46 -9.46 4.78
C SER A 33 0.44 -8.83 3.85
N CYS A 34 0.95 -8.21 2.79
CA CYS A 34 0.09 -7.56 1.81
C CYS A 34 0.64 -7.87 0.42
N ASP A 35 0.18 -7.10 -0.56
CA ASP A 35 0.61 -7.27 -1.93
C ASP A 35 -0.34 -6.51 -2.86
N CYS A 36 -0.70 -5.32 -2.43
CA CYS A 36 -1.60 -4.48 -3.20
C CYS A 36 -0.85 -3.18 -3.54
N PRO A 37 -1.19 -2.62 -4.74
CA PRO A 37 -0.58 -1.39 -5.19
C PRO A 37 -1.13 -0.18 -4.43
N LEU A 38 -0.23 0.56 -3.82
CA LEU A 38 -0.62 1.74 -3.06
C LEU A 38 -0.46 2.98 -3.94
N TYR A 39 -1.15 2.97 -5.07
CA TYR A 39 -1.09 4.08 -6.00
C TYR A 39 -1.70 3.70 -7.35
N PRO A 40 -3.04 3.90 -7.45
CA PRO A 40 -3.75 3.58 -8.67
C PRO A 40 -3.47 4.63 -9.76
N GLY A 41 -3.47 4.17 -11.00
CA GLY A 41 -3.22 5.05 -12.13
C GLY A 41 -3.98 4.58 -13.37
N CYS A 1 2.62 4.01 -4.46
CA CYS A 1 3.41 2.80 -4.31
C CYS A 1 3.84 2.33 -5.70
N THR A 2 4.69 1.31 -5.72
CA THR A 2 5.17 0.76 -6.96
C THR A 2 6.41 -0.10 -6.71
N THR A 3 6.17 -1.28 -6.15
CA THR A 3 7.26 -2.20 -5.85
C THR A 3 6.79 -3.66 -6.08
N GLY A 4 6.47 -4.32 -4.97
CA GLY A 4 6.03 -5.69 -5.03
C GLY A 4 4.86 -5.93 -4.07
N PRO A 5 5.21 -6.52 -2.90
CA PRO A 5 4.20 -6.81 -1.88
C PRO A 5 3.79 -5.54 -1.14
N CYS A 6 4.46 -4.45 -1.49
CA CYS A 6 4.17 -3.16 -0.87
C CYS A 6 4.46 -3.28 0.63
N CYS A 7 3.81 -4.25 1.25
CA CYS A 7 3.98 -4.48 2.68
C CYS A 7 5.48 -4.53 2.97
N ARG A 8 5.99 -3.44 3.54
CA ARG A 8 7.40 -3.35 3.88
C ARG A 8 8.22 -3.01 2.63
N GLN A 9 7.51 -2.76 1.54
CA GLN A 9 8.15 -2.42 0.29
C GLN A 9 7.43 -1.25 -0.38
N CYS A 10 6.63 -1.59 -1.37
CA CYS A 10 5.87 -0.58 -2.11
C CYS A 10 5.01 0.19 -1.11
N LYS A 11 4.84 -0.41 0.06
CA LYS A 11 4.03 0.21 1.11
C LYS A 11 4.97 0.92 2.10
N LEU A 12 5.52 2.04 1.66
CA LEU A 12 6.42 2.81 2.49
C LEU A 12 5.60 3.78 3.35
N LYS A 13 4.29 3.58 3.33
CA LYS A 13 3.39 4.43 4.10
C LYS A 13 3.00 3.71 5.38
N PRO A 14 2.11 4.37 6.17
CA PRO A 14 1.65 3.81 7.43
C PRO A 14 0.63 2.68 7.18
N ALA A 15 -0.04 2.30 8.25
CA ALA A 15 -1.04 1.24 8.17
C ALA A 15 -2.36 1.83 7.66
N GLY A 16 -2.79 1.33 6.52
CA GLY A 16 -4.03 1.79 5.92
C GLY A 16 -5.10 0.71 5.97
N THR A 17 -5.24 0.00 4.85
CA THR A 17 -6.21 -1.06 4.75
C THR A 17 -5.88 -1.99 3.58
N THR A 18 -6.66 -3.05 3.46
CA THR A 18 -6.45 -4.01 2.39
C THR A 18 -7.12 -3.53 1.10
N CYS A 19 -6.30 -3.33 0.09
CA CYS A 19 -6.79 -2.87 -1.20
C CYS A 19 -7.90 -1.84 -0.95
N TRP A 20 -7.50 -0.73 -0.34
CA TRP A 20 -8.44 0.33 -0.03
C TRP A 20 -8.06 1.55 -0.88
N LYS A 21 -7.02 2.23 -0.45
CA LYS A 21 -6.55 3.41 -1.16
C LYS A 21 -7.25 4.65 -0.60
N THR A 22 -6.45 5.58 -0.12
CA THR A 22 -7.00 6.81 0.45
C THR A 22 -7.45 7.75 -0.67
N SER A 23 -6.75 8.88 -0.77
CA SER A 23 -7.09 9.87 -1.79
C SER A 23 -5.85 10.72 -2.11
N LEU A 24 -4.70 10.19 -1.70
CA LEU A 24 -3.44 10.89 -1.93
C LEU A 24 -2.30 9.87 -2.02
N THR A 25 -1.98 9.29 -0.87
CA THR A 25 -0.92 8.31 -0.81
C THR A 25 -1.40 6.98 -1.37
N SER A 26 -2.48 6.48 -0.79
CA SER A 26 -3.04 5.21 -1.23
C SER A 26 -2.61 4.08 -0.28
N HIS A 27 -3.57 3.62 0.51
CA HIS A 27 -3.30 2.55 1.46
C HIS A 27 -3.02 1.26 0.70
N TYR A 28 -4.09 0.54 0.41
CA TYR A 28 -3.98 -0.71 -0.31
C TYR A 28 -2.83 -1.56 0.24
N CYS A 29 -2.68 -1.50 1.55
CA CYS A 29 -1.63 -2.26 2.23
C CYS A 29 -1.73 -1.98 3.73
N THR A 30 -0.57 -1.79 4.34
CA THR A 30 -0.51 -1.53 5.77
C THR A 30 0.92 -1.67 6.28
N GLY A 31 1.69 -2.52 5.58
CA GLY A 31 3.07 -2.75 5.95
C GLY A 31 3.25 -4.16 6.52
N LYS A 32 3.90 -5.01 5.73
CA LYS A 32 4.14 -6.38 6.13
C LYS A 32 2.82 -7.14 6.18
N SER A 33 2.69 -8.09 5.27
CA SER A 33 1.48 -8.89 5.20
C SER A 33 0.46 -8.23 4.26
N CYS A 34 0.96 -7.78 3.12
CA CYS A 34 0.12 -7.13 2.14
C CYS A 34 0.48 -7.67 0.75
N ASP A 35 0.14 -6.90 -0.26
CA ASP A 35 0.43 -7.29 -1.64
C ASP A 35 -0.55 -6.59 -2.58
N CYS A 36 -0.76 -5.31 -2.30
CA CYS A 36 -1.67 -4.50 -3.11
C CYS A 36 -0.95 -3.20 -3.49
N PRO A 37 -1.31 -2.67 -4.68
CA PRO A 37 -0.72 -1.44 -5.16
C PRO A 37 -1.28 -0.23 -4.42
N LEU A 38 -0.36 0.63 -3.97
CA LEU A 38 -0.76 1.81 -3.23
C LEU A 38 -0.37 3.05 -4.05
N TYR A 39 -0.78 3.04 -5.31
CA TYR A 39 -0.49 4.15 -6.20
C TYR A 39 -1.74 4.56 -6.99
N PRO A 40 -1.66 5.77 -7.60
CA PRO A 40 -2.77 6.29 -8.38
C PRO A 40 -2.88 5.58 -9.73
N GLY A 41 -4.05 5.70 -10.33
CA GLY A 41 -4.29 5.07 -11.62
C GLY A 41 -3.78 5.96 -12.77
N CYS A 1 2.40 1.43 -4.13
CA CYS A 1 2.84 2.52 -4.97
C CYS A 1 2.76 2.07 -6.43
N THR A 2 3.31 0.89 -6.68
CA THR A 2 3.29 0.33 -8.03
C THR A 2 4.29 -0.83 -8.12
N THR A 3 5.18 -0.89 -7.14
CA THR A 3 6.19 -1.94 -7.11
C THR A 3 5.52 -3.32 -7.11
N GLY A 4 5.53 -3.94 -5.94
CA GLY A 4 4.93 -5.26 -5.79
C GLY A 4 3.88 -5.27 -4.69
N PRO A 5 4.15 -6.09 -3.64
CA PRO A 5 3.23 -6.20 -2.51
C PRO A 5 3.33 -4.97 -1.61
N CYS A 6 3.97 -3.94 -2.13
CA CYS A 6 4.14 -2.71 -1.39
C CYS A 6 4.81 -3.05 -0.05
N CYS A 7 4.25 -4.05 0.61
CA CYS A 7 4.77 -4.48 1.90
C CYS A 7 6.29 -4.62 1.78
N ARG A 8 7.00 -3.83 2.56
CA ARG A 8 8.45 -3.87 2.55
C ARG A 8 8.99 -3.10 1.34
N GLN A 9 8.15 -3.00 0.32
CA GLN A 9 8.53 -2.30 -0.90
C GLN A 9 8.08 -0.84 -0.83
N CYS A 10 6.84 -0.62 -1.24
CA CYS A 10 6.27 0.72 -1.23
C CYS A 10 4.95 0.67 -0.46
N LYS A 11 5.07 0.81 0.85
CA LYS A 11 3.89 0.79 1.71
C LYS A 11 4.30 1.14 3.14
N LEU A 12 5.35 1.96 3.23
CA LEU A 12 5.86 2.37 4.53
C LEU A 12 4.73 3.05 5.32
N LYS A 13 3.64 3.33 4.61
CA LYS A 13 2.49 3.96 5.23
C LYS A 13 2.27 3.37 6.62
N PRO A 14 1.84 4.25 7.56
CA PRO A 14 1.59 3.83 8.93
C PRO A 14 0.29 3.04 9.03
N ALA A 15 0.12 2.12 8.09
CA ALA A 15 -1.07 1.29 8.06
C ALA A 15 -2.27 2.15 7.65
N GLY A 16 -2.94 1.69 6.60
CA GLY A 16 -4.11 2.40 6.09
C GLY A 16 -5.29 1.45 5.90
N THR A 17 -5.20 0.65 4.84
CA THR A 17 -6.26 -0.30 4.54
C THR A 17 -5.72 -1.43 3.66
N THR A 18 -6.64 -2.16 3.05
CA THR A 18 -6.27 -3.26 2.18
C THR A 18 -7.00 -3.15 0.84
N CYS A 19 -6.21 -3.19 -0.23
CA CYS A 19 -6.76 -3.09 -1.56
C CYS A 19 -7.92 -2.08 -1.54
N TRP A 20 -7.55 -0.82 -1.31
CA TRP A 20 -8.54 0.25 -1.26
C TRP A 20 -7.95 1.46 -1.97
N LYS A 21 -7.00 2.10 -1.30
CA LYS A 21 -6.36 3.28 -1.86
C LYS A 21 -6.98 4.53 -1.24
N THR A 22 -6.12 5.47 -0.89
CA THR A 22 -6.57 6.72 -0.30
C THR A 22 -7.06 7.68 -1.38
N SER A 23 -6.10 8.17 -2.15
CA SER A 23 -6.41 9.11 -3.23
C SER A 23 -5.21 10.00 -3.52
N LEU A 24 -4.31 10.06 -2.55
CA LEU A 24 -3.11 10.87 -2.69
C LEU A 24 -1.88 9.96 -2.63
N THR A 25 -1.73 9.29 -1.50
CA THR A 25 -0.60 8.39 -1.31
C THR A 25 -0.90 7.01 -1.90
N SER A 26 -1.81 6.31 -1.24
CA SER A 26 -2.19 4.98 -1.69
C SER A 26 -1.95 3.95 -0.58
N HIS A 27 -3.05 3.39 -0.09
CA HIS A 27 -2.97 2.41 0.97
C HIS A 27 -2.90 1.00 0.36
N TYR A 28 -4.07 0.37 0.27
CA TYR A 28 -4.15 -0.96 -0.29
C TYR A 28 -3.40 -1.98 0.58
N CYS A 29 -2.93 -1.49 1.73
CA CYS A 29 -2.20 -2.33 2.65
C CYS A 29 -1.73 -1.47 3.82
N THR A 30 -0.71 -1.96 4.50
CA THR A 30 -0.15 -1.24 5.65
C THR A 30 1.38 -1.32 5.62
N GLY A 31 1.88 -2.54 5.75
CA GLY A 31 3.31 -2.77 5.76
C GLY A 31 3.64 -4.21 6.15
N LYS A 32 4.21 -4.93 5.20
CA LYS A 32 4.58 -6.32 5.44
C LYS A 32 3.35 -7.08 5.94
N SER A 33 3.23 -8.31 5.46
CA SER A 33 2.12 -9.17 5.83
C SER A 33 0.91 -8.89 4.92
N CYS A 34 0.77 -7.62 4.55
CA CYS A 34 -0.32 -7.21 3.69
C CYS A 34 -0.25 -8.02 2.40
N ASP A 35 -0.89 -7.49 1.37
CA ASP A 35 -0.90 -8.16 0.08
C ASP A 35 -1.74 -7.33 -0.90
N CYS A 36 -1.23 -6.15 -1.21
CA CYS A 36 -1.92 -5.26 -2.13
C CYS A 36 -1.07 -4.00 -2.31
N PRO A 37 -0.80 -3.67 -3.59
CA PRO A 37 0.01 -2.49 -3.91
C PRO A 37 -0.80 -1.21 -3.71
N LEU A 38 -0.08 -0.13 -3.46
CA LEU A 38 -0.72 1.16 -3.25
C LEU A 38 -0.65 1.98 -4.54
N TYR A 39 -1.33 1.47 -5.55
CA TYR A 39 -1.36 2.13 -6.84
C TYR A 39 -2.73 2.76 -7.11
N PRO A 40 -2.72 4.11 -7.29
CA PRO A 40 -3.95 4.83 -7.56
C PRO A 40 -4.43 4.61 -8.99
N GLY A 41 -4.81 3.38 -9.26
CA GLY A 41 -5.28 3.02 -10.59
C GLY A 41 -5.77 1.57 -10.62
N CYS A 1 1.38 0.66 -5.72
CA CYS A 1 2.51 -0.02 -5.10
C CYS A 1 3.78 0.75 -5.43
N THR A 2 4.36 1.34 -4.40
CA THR A 2 5.59 2.11 -4.57
C THR A 2 6.78 1.18 -4.77
N THR A 3 6.60 -0.06 -4.35
CA THR A 3 7.65 -1.06 -4.48
C THR A 3 7.15 -2.27 -5.28
N GLY A 4 6.95 -3.37 -4.57
CA GLY A 4 6.48 -4.58 -5.21
C GLY A 4 5.29 -5.18 -4.45
N PRO A 5 5.61 -6.16 -3.57
CA PRO A 5 4.57 -6.81 -2.78
C PRO A 5 4.09 -5.89 -1.65
N CYS A 6 4.59 -4.67 -1.67
CA CYS A 6 4.22 -3.68 -0.66
C CYS A 6 4.34 -4.35 0.71
N CYS A 7 3.33 -4.14 1.54
CA CYS A 7 3.32 -4.70 2.88
C CYS A 7 4.75 -4.66 3.42
N ARG A 8 5.33 -3.48 3.37
CA ARG A 8 6.69 -3.30 3.85
C ARG A 8 7.46 -2.32 2.95
N GLN A 9 7.18 -2.42 1.66
CA GLN A 9 7.82 -1.56 0.68
C GLN A 9 6.83 -0.54 0.14
N CYS A 10 6.03 -0.99 -0.82
CA CYS A 10 5.03 -0.13 -1.43
C CYS A 10 4.24 0.55 -0.32
N LYS A 11 3.94 -0.22 0.71
CA LYS A 11 3.19 0.29 1.84
C LYS A 11 4.11 1.12 2.73
N LEU A 12 4.98 1.87 2.08
CA LEU A 12 5.93 2.71 2.80
C LEU A 12 5.17 3.86 3.47
N LYS A 13 3.89 3.97 3.12
CA LYS A 13 3.06 5.01 3.69
C LYS A 13 2.90 4.78 5.19
N PRO A 14 2.03 5.62 5.81
CA PRO A 14 1.78 5.52 7.24
C PRO A 14 0.90 4.30 7.56
N ALA A 15 1.39 3.14 7.19
CA ALA A 15 0.66 1.90 7.43
C ALA A 15 -0.75 2.04 6.87
N GLY A 16 -0.94 1.55 5.66
CA GLY A 16 -2.23 1.61 5.01
C GLY A 16 -3.23 0.67 5.68
N THR A 17 -4.21 0.24 4.90
CA THR A 17 -5.23 -0.66 5.41
C THR A 17 -5.26 -1.96 4.59
N THR A 18 -6.45 -2.27 4.08
CA THR A 18 -6.62 -3.48 3.29
C THR A 18 -7.20 -3.12 1.92
N CYS A 19 -6.33 -3.13 0.92
CA CYS A 19 -6.75 -2.82 -0.43
C CYS A 19 -7.92 -1.83 -0.37
N TRP A 20 -7.59 -0.58 -0.16
CA TRP A 20 -8.60 0.47 -0.08
C TRP A 20 -8.15 1.65 -0.94
N LYS A 21 -7.00 2.20 -0.56
CA LYS A 21 -6.45 3.33 -1.28
C LYS A 21 -7.38 4.54 -1.13
N THR A 22 -6.77 5.68 -0.86
CA THR A 22 -7.53 6.92 -0.68
C THR A 22 -7.49 7.75 -1.95
N SER A 23 -7.09 9.01 -1.79
CA SER A 23 -7.00 9.93 -2.92
C SER A 23 -5.54 10.16 -3.28
N LEU A 24 -4.66 9.62 -2.46
CA LEU A 24 -3.23 9.77 -2.68
C LEU A 24 -2.52 8.45 -2.34
N THR A 25 -2.38 8.21 -1.03
CA THR A 25 -1.73 7.01 -0.57
C THR A 25 -2.67 5.80 -0.72
N SER A 26 -2.40 5.00 -1.74
CA SER A 26 -3.21 3.82 -2.00
C SER A 26 -3.08 2.84 -0.83
N HIS A 27 -3.68 3.22 0.28
CA HIS A 27 -3.64 2.38 1.47
C HIS A 27 -4.32 1.04 1.17
N TYR A 28 -3.67 0.25 0.33
CA TYR A 28 -4.19 -1.05 -0.05
C TYR A 28 -3.40 -2.16 0.62
N CYS A 29 -2.68 -1.79 1.68
CA CYS A 29 -1.89 -2.76 2.42
C CYS A 29 -1.76 -2.27 3.86
N THR A 30 -1.02 -3.03 4.64
CA THR A 30 -0.81 -2.69 6.04
C THR A 30 0.65 -2.89 6.43
N GLY A 31 1.26 -3.90 5.84
CA GLY A 31 2.65 -4.21 6.11
C GLY A 31 2.85 -5.71 6.32
N LYS A 32 3.62 -6.31 5.42
CA LYS A 32 3.89 -7.73 5.48
C LYS A 32 2.57 -8.51 5.37
N SER A 33 2.46 -9.25 4.28
CA SER A 33 1.27 -10.04 4.04
C SER A 33 0.31 -9.29 3.11
N CYS A 34 0.91 -8.46 2.25
CA CYS A 34 0.12 -7.69 1.30
C CYS A 34 0.87 -7.69 -0.04
N ASP A 35 0.18 -7.20 -1.06
CA ASP A 35 0.75 -7.14 -2.39
C ASP A 35 -0.12 -6.23 -3.27
N CYS A 36 -0.72 -5.25 -2.64
CA CYS A 36 -1.58 -4.30 -3.34
C CYS A 36 -0.78 -3.02 -3.60
N PRO A 37 -1.32 -2.17 -4.50
CA PRO A 37 -0.67 -0.92 -4.83
C PRO A 37 -0.86 0.11 -3.71
N LEU A 38 0.13 0.99 -3.59
CA LEU A 38 0.08 2.02 -2.57
C LEU A 38 0.69 3.31 -3.13
N TYR A 39 0.41 3.54 -4.40
CA TYR A 39 0.93 4.73 -5.07
C TYR A 39 0.11 5.05 -6.32
N PRO A 40 0.07 6.36 -6.67
CA PRO A 40 -0.66 6.81 -7.84
C PRO A 40 0.09 6.45 -9.13
N GLY A 41 -0.65 6.48 -10.23
CA GLY A 41 -0.06 6.17 -11.52
C GLY A 41 -0.75 4.95 -12.15
N CYS A 1 0.99 -0.03 -6.14
CA CYS A 1 2.11 -0.40 -5.30
C CYS A 1 3.03 0.81 -5.15
N THR A 2 4.33 0.51 -5.12
CA THR A 2 5.32 1.57 -4.99
C THR A 2 6.73 1.00 -5.18
N THR A 3 6.89 -0.26 -4.80
CA THR A 3 8.17 -0.93 -4.94
C THR A 3 7.97 -2.43 -5.17
N GLY A 4 7.83 -3.16 -4.07
CA GLY A 4 7.63 -4.60 -4.15
C GLY A 4 6.15 -4.95 -3.99
N PRO A 5 5.89 -6.04 -3.23
CA PRO A 5 4.54 -6.50 -3.00
C PRO A 5 3.83 -5.59 -1.98
N CYS A 6 4.43 -4.44 -1.75
CA CYS A 6 3.86 -3.47 -0.83
C CYS A 6 3.55 -4.20 0.49
N CYS A 7 4.39 -3.94 1.48
CA CYS A 7 4.22 -4.57 2.79
C CYS A 7 5.60 -4.91 3.34
N ARG A 8 6.52 -3.97 3.19
CA ARG A 8 7.88 -4.15 3.67
C ARG A 8 8.87 -3.49 2.72
N GLN A 9 8.36 -3.07 1.58
CA GLN A 9 9.19 -2.42 0.58
C GLN A 9 8.33 -1.90 -0.57
N CYS A 10 7.36 -1.07 -0.21
CA CYS A 10 6.46 -0.49 -1.20
C CYS A 10 5.32 0.21 -0.47
N LYS A 11 4.88 -0.41 0.61
CA LYS A 11 3.80 0.15 1.40
C LYS A 11 4.38 1.09 2.46
N LEU A 12 5.64 1.46 2.25
CA LEU A 12 6.32 2.35 3.16
C LEU A 12 5.33 3.38 3.70
N LYS A 13 4.40 3.77 2.84
CA LYS A 13 3.39 4.74 3.22
C LYS A 13 2.82 4.38 4.59
N PRO A 14 1.89 5.25 5.08
CA PRO A 14 1.28 5.02 6.38
C PRO A 14 0.23 3.90 6.30
N ALA A 15 0.54 2.80 6.98
CA ALA A 15 -0.36 1.66 7.00
C ALA A 15 -1.81 2.16 6.98
N GLY A 16 -2.62 1.50 6.17
CA GLY A 16 -4.02 1.86 6.04
C GLY A 16 -4.92 0.63 6.25
N THR A 17 -5.14 -0.10 5.17
CA THR A 17 -5.98 -1.28 5.22
C THR A 17 -5.64 -2.22 4.06
N THR A 18 -6.67 -2.84 3.53
CA THR A 18 -6.51 -3.77 2.42
C THR A 18 -7.30 -3.30 1.20
N CYS A 19 -6.58 -3.13 0.10
CA CYS A 19 -7.19 -2.68 -1.13
C CYS A 19 -8.33 -1.72 -0.78
N TRP A 20 -7.94 -0.50 -0.43
CA TRP A 20 -8.92 0.52 -0.08
C TRP A 20 -8.53 1.81 -0.79
N LYS A 21 -7.51 2.47 -0.26
CA LYS A 21 -7.04 3.72 -0.84
C LYS A 21 -7.73 4.89 -0.15
N THR A 22 -6.92 5.81 0.35
CA THR A 22 -7.44 6.99 1.04
C THR A 22 -6.30 7.80 1.65
N SER A 23 -6.68 8.75 2.49
CA SER A 23 -5.70 9.60 3.14
C SER A 23 -4.74 10.20 2.10
N LEU A 24 -5.19 10.18 0.85
CA LEU A 24 -4.39 10.71 -0.23
C LEU A 24 -3.32 9.69 -0.61
N THR A 25 -3.31 8.58 0.12
CA THR A 25 -2.34 7.53 -0.13
C THR A 25 -3.06 6.20 -0.35
N SER A 26 -2.98 5.72 -1.59
CA SER A 26 -3.62 4.45 -1.94
C SER A 26 -3.19 3.36 -0.96
N HIS A 27 -3.82 3.39 0.21
CA HIS A 27 -3.50 2.41 1.24
C HIS A 27 -3.33 1.03 0.60
N TYR A 28 -4.45 0.47 0.15
CA TYR A 28 -4.43 -0.84 -0.48
C TYR A 28 -3.28 -1.70 0.07
N CYS A 29 -3.04 -1.54 1.36
CA CYS A 29 -1.98 -2.29 2.02
C CYS A 29 -1.78 -1.72 3.43
N THR A 30 -0.70 -2.13 4.06
CA THR A 30 -0.39 -1.67 5.40
C THR A 30 1.10 -1.85 5.70
N GLY A 31 1.52 -3.10 5.76
CA GLY A 31 2.92 -3.41 6.03
C GLY A 31 3.07 -4.91 6.35
N LYS A 32 3.82 -5.58 5.49
CA LYS A 32 4.07 -7.00 5.67
C LYS A 32 2.76 -7.70 6.06
N SER A 33 1.66 -7.07 5.68
CA SER A 33 0.35 -7.62 5.97
C SER A 33 -0.67 -7.14 4.93
N CYS A 34 -0.31 -7.32 3.67
CA CYS A 34 -1.18 -6.91 2.58
C CYS A 34 -0.67 -7.58 1.29
N ASP A 35 -0.77 -6.83 0.20
CA ASP A 35 -0.33 -7.33 -1.09
C ASP A 35 -1.10 -6.62 -2.20
N CYS A 36 -1.30 -5.33 -2.00
CA CYS A 36 -2.03 -4.52 -2.97
C CYS A 36 -1.18 -3.30 -3.31
N PRO A 37 -1.51 -2.66 -4.47
CA PRO A 37 -0.79 -1.49 -4.90
C PRO A 37 -1.19 -0.25 -4.08
N LEU A 38 -0.21 0.61 -3.87
CA LEU A 38 -0.45 1.83 -3.11
C LEU A 38 -0.05 3.04 -3.95
N TYR A 39 -0.77 3.21 -5.04
CA TYR A 39 -0.50 4.33 -5.94
C TYR A 39 -1.76 4.70 -6.73
N PRO A 40 -2.24 5.96 -6.49
CA PRO A 40 -3.42 6.46 -7.16
C PRO A 40 -3.11 6.81 -8.62
N GLY A 41 -1.98 7.47 -8.81
CA GLY A 41 -1.56 7.88 -10.13
C GLY A 41 -2.66 8.65 -10.85
N CYS A 1 0.84 0.03 -6.64
CA CYS A 1 1.90 -0.37 -5.72
C CYS A 1 2.92 0.76 -5.66
N THR A 2 4.13 0.40 -5.25
CA THR A 2 5.21 1.37 -5.14
C THR A 2 6.57 0.69 -5.30
N THR A 3 6.52 -0.63 -5.40
CA THR A 3 7.74 -1.42 -5.56
C THR A 3 7.39 -2.87 -5.89
N GLY A 4 7.03 -3.62 -4.85
CA GLY A 4 6.69 -5.01 -5.02
C GLY A 4 5.43 -5.36 -4.22
N PRO A 5 5.65 -6.10 -3.09
CA PRO A 5 4.55 -6.51 -2.23
C PRO A 5 4.05 -5.33 -1.40
N CYS A 6 4.73 -4.20 -1.55
CA CYS A 6 4.36 -3.00 -0.82
C CYS A 6 4.58 -3.25 0.67
N CYS A 7 3.97 -4.34 1.14
CA CYS A 7 4.10 -4.70 2.55
C CYS A 7 5.59 -4.72 2.92
N ARG A 8 6.13 -3.52 3.07
CA ARG A 8 7.53 -3.38 3.42
C ARG A 8 8.32 -2.83 2.23
N GLN A 9 7.70 -2.91 1.06
CA GLN A 9 8.34 -2.42 -0.16
C GLN A 9 7.28 -1.90 -1.13
N CYS A 10 6.74 -0.72 -0.78
CA CYS A 10 5.73 -0.10 -1.61
C CYS A 10 4.58 0.35 -0.71
N LYS A 11 4.62 -0.14 0.53
CA LYS A 11 3.59 0.20 1.50
C LYS A 11 4.17 1.15 2.53
N LEU A 12 5.23 1.84 2.13
CA LEU A 12 5.88 2.79 3.02
C LEU A 12 4.84 3.50 3.88
N LYS A 13 3.64 3.60 3.32
CA LYS A 13 2.55 4.25 4.02
C LYS A 13 2.49 3.74 5.46
N PRO A 14 1.89 4.58 6.35
CA PRO A 14 1.77 4.21 7.75
C PRO A 14 0.67 3.17 7.95
N ALA A 15 0.51 2.33 6.93
CA ALA A 15 -0.49 1.28 6.99
C ALA A 15 -1.84 1.85 6.56
N GLY A 16 -2.67 0.98 6.01
CA GLY A 16 -3.99 1.37 5.55
C GLY A 16 -4.70 0.22 4.85
N THR A 17 -5.38 -0.60 5.64
CA THR A 17 -6.11 -1.74 5.12
C THR A 17 -5.24 -2.49 4.10
N THR A 18 -5.86 -3.46 3.44
CA THR A 18 -5.17 -4.26 2.45
C THR A 18 -5.68 -3.93 1.05
N CYS A 19 -6.51 -2.90 0.98
CA CYS A 19 -7.07 -2.46 -0.29
C CYS A 19 -8.10 -1.37 -0.01
N TRP A 20 -7.60 -0.17 0.24
CA TRP A 20 -8.45 0.96 0.52
C TRP A 20 -8.21 2.02 -0.56
N LYS A 21 -7.04 2.60 -0.52
CA LYS A 21 -6.67 3.63 -1.49
C LYS A 21 -7.29 4.96 -1.07
N THR A 22 -6.44 5.96 -0.93
CA THR A 22 -6.90 7.28 -0.55
C THR A 22 -7.36 8.06 -1.77
N SER A 23 -6.71 9.19 -2.00
CA SER A 23 -7.05 10.04 -3.13
C SER A 23 -5.78 10.64 -3.74
N LEU A 24 -4.64 10.06 -3.35
CA LEU A 24 -3.36 10.53 -3.84
C LEU A 24 -2.29 9.46 -3.57
N THR A 25 -1.96 9.32 -2.31
CA THR A 25 -0.96 8.34 -1.91
C THR A 25 -1.37 6.95 -2.38
N SER A 26 -2.59 6.57 -2.05
CA SER A 26 -3.10 5.27 -2.43
C SER A 26 -2.65 4.21 -1.43
N HIS A 27 -3.49 3.99 -0.42
CA HIS A 27 -3.19 3.00 0.61
C HIS A 27 -3.15 1.61 -0.02
N TYR A 28 -4.12 0.80 0.37
CA TYR A 28 -4.22 -0.57 -0.13
C TYR A 28 -3.03 -1.41 0.35
N CYS A 29 -2.78 -1.32 1.65
CA CYS A 29 -1.69 -2.07 2.25
C CYS A 29 -1.65 -1.75 3.75
N THR A 30 -0.88 -2.56 4.46
CA THR A 30 -0.76 -2.37 5.90
C THR A 30 0.72 -2.42 6.31
N GLY A 31 1.35 -3.54 6.01
CA GLY A 31 2.75 -3.73 6.33
C GLY A 31 3.08 -5.22 6.51
N LYS A 32 3.87 -5.72 5.58
CA LYS A 32 4.27 -7.12 5.61
C LYS A 32 3.16 -7.98 5.01
N SER A 33 2.05 -8.06 5.72
CA SER A 33 0.91 -8.84 5.27
C SER A 33 0.29 -8.19 4.02
N CYS A 34 -0.77 -7.44 4.25
CA CYS A 34 -1.45 -6.77 3.16
C CYS A 34 -1.14 -7.51 1.86
N ASP A 35 -0.73 -6.74 0.86
CA ASP A 35 -0.39 -7.31 -0.43
C ASP A 35 -1.22 -6.63 -1.51
N CYS A 36 -1.24 -5.30 -1.46
CA CYS A 36 -1.98 -4.52 -2.43
C CYS A 36 -1.13 -3.31 -2.83
N PRO A 37 -1.47 -2.73 -4.02
CA PRO A 37 -0.75 -1.58 -4.52
C PRO A 37 -1.13 -0.31 -3.76
N LEU A 38 -0.15 0.56 -3.59
CA LEU A 38 -0.36 1.80 -2.88
C LEU A 38 0.07 2.97 -3.78
N TYR A 39 -0.40 2.94 -5.00
CA TYR A 39 -0.08 3.99 -5.97
C TYR A 39 -0.48 3.58 -7.38
N PRO A 40 -1.01 4.58 -8.14
CA PRO A 40 -1.44 4.34 -9.50
C PRO A 40 -0.24 4.22 -10.44
N GLY A 41 -0.47 3.54 -11.56
CA GLY A 41 0.58 3.33 -12.54
C GLY A 41 0.99 4.66 -13.19
N CYS A 1 1.12 0.71 -6.91
CA CYS A 1 2.03 0.17 -5.92
C CYS A 1 3.08 1.23 -5.60
N THR A 2 4.27 0.75 -5.27
CA THR A 2 5.37 1.65 -4.94
C THR A 2 6.70 0.91 -5.02
N THR A 3 6.62 -0.41 -4.94
CA THR A 3 7.81 -1.24 -4.99
C THR A 3 7.46 -2.62 -5.56
N GLY A 4 6.98 -3.48 -4.67
CA GLY A 4 6.61 -4.83 -5.06
C GLY A 4 5.43 -5.34 -4.24
N PRO A 5 5.78 -5.97 -3.07
CA PRO A 5 4.75 -6.50 -2.18
C PRO A 5 4.06 -5.38 -1.40
N CYS A 6 4.72 -4.23 -1.38
CA CYS A 6 4.18 -3.08 -0.67
C CYS A 6 4.32 -3.33 0.83
N CYS A 7 3.77 -4.44 1.28
CA CYS A 7 3.83 -4.80 2.68
C CYS A 7 5.30 -4.81 3.12
N ARG A 8 5.84 -3.60 3.25
CA ARG A 8 7.22 -3.45 3.67
C ARG A 8 7.99 -2.63 2.63
N GLN A 9 7.40 -2.51 1.46
CA GLN A 9 8.02 -1.75 0.38
C GLN A 9 6.99 -0.82 -0.27
N CYS A 10 6.35 -1.33 -1.31
CA CYS A 10 5.35 -0.57 -2.04
C CYS A 10 4.46 0.13 -1.01
N LYS A 11 4.44 -0.43 0.20
CA LYS A 11 3.64 0.13 1.27
C LYS A 11 4.53 0.98 2.18
N LEU A 12 5.38 1.78 1.55
CA LEU A 12 6.28 2.64 2.29
C LEU A 12 5.46 3.54 3.23
N LYS A 13 4.20 3.73 2.87
CA LYS A 13 3.31 4.56 3.66
C LYS A 13 3.02 3.86 4.99
N PRO A 14 2.47 4.65 5.95
CA PRO A 14 2.13 4.12 7.26
C PRO A 14 0.87 3.26 7.19
N ALA A 15 0.84 2.23 8.04
CA ALA A 15 -0.30 1.34 8.09
C ALA A 15 -1.51 2.02 7.43
N GLY A 16 -1.84 1.51 6.24
CA GLY A 16 -2.97 2.04 5.50
C GLY A 16 -4.24 1.24 5.75
N THR A 17 -4.60 0.45 4.74
CA THR A 17 -5.80 -0.38 4.85
C THR A 17 -5.71 -1.56 3.87
N THR A 18 -6.77 -2.35 3.86
CA THR A 18 -6.83 -3.51 2.98
C THR A 18 -7.36 -3.10 1.60
N CYS A 19 -6.45 -3.13 0.63
CA CYS A 19 -6.81 -2.77 -0.74
C CYS A 19 -7.99 -1.79 -0.68
N TRP A 20 -7.67 -0.55 -0.30
CA TRP A 20 -8.69 0.48 -0.20
C TRP A 20 -8.26 1.66 -1.08
N LYS A 21 -7.09 2.20 -0.75
CA LYS A 21 -6.57 3.33 -1.51
C LYS A 21 -7.27 4.62 -1.07
N THR A 22 -6.46 5.53 -0.54
CA THR A 22 -6.99 6.80 -0.08
C THR A 22 -7.21 7.75 -1.25
N SER A 23 -6.11 8.21 -1.82
CA SER A 23 -6.18 9.13 -2.95
C SER A 23 -4.77 9.41 -3.48
N LEU A 24 -3.84 9.55 -2.56
CA LEU A 24 -2.46 9.81 -2.92
C LEU A 24 -1.56 8.71 -2.37
N THR A 25 -1.89 8.27 -1.16
CA THR A 25 -1.12 7.21 -0.52
C THR A 25 -1.60 5.84 -1.01
N SER A 26 -2.88 5.78 -1.29
CA SER A 26 -3.48 4.53 -1.76
C SER A 26 -3.23 3.41 -0.75
N HIS A 27 -3.95 3.50 0.36
CA HIS A 27 -3.82 2.50 1.41
C HIS A 27 -4.51 1.20 0.97
N TYR A 28 -3.71 0.32 0.40
CA TYR A 28 -4.22 -0.96 -0.07
C TYR A 28 -3.55 -2.12 0.67
N CYS A 29 -2.79 -1.77 1.69
CA CYS A 29 -2.09 -2.76 2.49
C CYS A 29 -2.03 -2.27 3.93
N THR A 30 -1.23 -2.97 4.73
CA THR A 30 -1.08 -2.62 6.13
C THR A 30 0.40 -2.67 6.53
N GLY A 31 1.19 -3.31 5.67
CA GLY A 31 2.62 -3.44 5.92
C GLY A 31 2.94 -4.81 6.52
N LYS A 32 3.70 -5.58 5.76
CA LYS A 32 4.09 -6.92 6.19
C LYS A 32 2.93 -7.89 5.94
N SER A 33 3.12 -8.73 4.94
CA SER A 33 2.11 -9.71 4.58
C SER A 33 1.02 -9.06 3.74
N CYS A 34 1.45 -8.42 2.65
CA CYS A 34 0.53 -7.75 1.76
C CYS A 34 1.10 -7.82 0.34
N ASP A 35 0.32 -7.32 -0.61
CA ASP A 35 0.73 -7.32 -1.99
C ASP A 35 -0.23 -6.46 -2.82
N CYS A 36 -0.55 -5.30 -2.25
CA CYS A 36 -1.45 -4.39 -2.92
C CYS A 36 -0.69 -3.09 -3.21
N PRO A 37 -1.08 -2.42 -4.32
CA PRO A 37 -0.45 -1.18 -4.71
C PRO A 37 -0.91 -0.02 -3.83
N LEU A 38 0.02 0.90 -3.57
CA LEU A 38 -0.28 2.05 -2.74
C LEU A 38 0.25 3.31 -3.43
N TYR A 39 -0.34 3.60 -4.58
CA TYR A 39 0.06 4.77 -5.34
C TYR A 39 -1.16 5.48 -5.94
N PRO A 40 -0.94 6.76 -6.35
CA PRO A 40 -2.02 7.54 -6.94
C PRO A 40 -2.30 7.09 -8.38
N GLY A 41 -1.25 7.11 -9.19
CA GLY A 41 -1.36 6.71 -10.58
C GLY A 41 -1.40 7.94 -11.50
N CYS A 1 1.26 -1.26 -6.56
CA CYS A 1 2.33 -1.18 -5.58
C CYS A 1 3.54 -0.52 -6.26
N THR A 2 4.22 0.33 -5.49
CA THR A 2 5.38 1.03 -6.01
C THR A 2 6.54 0.04 -6.20
N THR A 3 7.04 -0.47 -5.09
CA THR A 3 8.15 -1.41 -5.12
C THR A 3 7.68 -2.76 -5.67
N GLY A 4 7.35 -3.65 -4.76
CA GLY A 4 6.88 -4.98 -5.14
C GLY A 4 5.56 -5.31 -4.45
N PRO A 5 5.66 -6.09 -3.34
CA PRO A 5 4.48 -6.49 -2.59
C PRO A 5 3.95 -5.32 -1.76
N CYS A 6 4.63 -4.19 -1.87
CA CYS A 6 4.24 -3.00 -1.14
C CYS A 6 4.46 -3.25 0.35
N CYS A 7 3.84 -4.31 0.85
CA CYS A 7 3.96 -4.67 2.25
C CYS A 7 5.44 -4.86 2.57
N ARG A 8 6.04 -3.82 3.10
CA ARG A 8 7.45 -3.86 3.46
C ARG A 8 8.29 -3.08 2.43
N GLN A 9 7.57 -2.43 1.51
CA GLN A 9 8.23 -1.65 0.48
C GLN A 9 7.33 -0.48 0.06
N CYS A 10 6.38 -0.79 -0.82
CA CYS A 10 5.46 0.22 -1.31
C CYS A 10 4.52 0.62 -0.17
N LYS A 11 4.45 -0.26 0.83
CA LYS A 11 3.61 -0.02 1.98
C LYS A 11 4.35 0.85 2.99
N LEU A 12 5.29 1.62 2.47
CA LEU A 12 6.09 2.51 3.32
C LEU A 12 5.23 3.69 3.77
N LYS A 13 3.96 3.62 3.40
CA LYS A 13 3.02 4.67 3.76
C LYS A 13 2.76 4.63 5.27
N PRO A 14 1.73 5.41 5.69
CA PRO A 14 1.37 5.46 7.10
C PRO A 14 0.61 4.20 7.51
N ALA A 15 0.58 3.25 6.61
CA ALA A 15 -0.11 1.99 6.86
C ALA A 15 -1.61 2.21 6.81
N GLY A 16 -2.27 1.45 5.95
CA GLY A 16 -3.71 1.55 5.80
C GLY A 16 -4.35 0.17 5.68
N THR A 17 -5.49 0.14 5.01
CA THR A 17 -6.22 -1.11 4.82
C THR A 17 -5.58 -1.93 3.70
N THR A 18 -5.69 -3.25 3.84
CA THR A 18 -5.12 -4.15 2.85
C THR A 18 -5.48 -3.69 1.43
N CYS A 19 -6.55 -2.91 1.36
CA CYS A 19 -7.00 -2.40 0.08
C CYS A 19 -7.96 -1.23 0.33
N TRP A 20 -7.39 -0.16 0.89
CA TRP A 20 -8.18 1.02 1.18
C TRP A 20 -8.05 1.99 0.00
N LYS A 21 -6.89 2.61 -0.09
CA LYS A 21 -6.62 3.56 -1.16
C LYS A 21 -7.45 4.83 -0.92
N THR A 22 -6.73 5.94 -0.76
CA THR A 22 -7.37 7.22 -0.53
C THR A 22 -7.41 8.03 -1.83
N SER A 23 -7.20 9.33 -1.66
CA SER A 23 -7.21 10.23 -2.80
C SER A 23 -5.81 10.81 -3.03
N LEU A 24 -4.85 10.23 -2.32
CA LEU A 24 -3.47 10.67 -2.43
C LEU A 24 -2.58 9.47 -2.75
N THR A 25 -2.89 8.36 -2.09
CA THR A 25 -2.12 7.13 -2.29
C THR A 25 -3.02 5.91 -2.09
N SER A 26 -2.60 4.80 -2.69
CA SER A 26 -3.35 3.57 -2.59
C SER A 26 -2.94 2.80 -1.32
N HIS A 27 -3.41 3.31 -0.20
CA HIS A 27 -3.10 2.68 1.08
C HIS A 27 -3.26 1.17 0.97
N TYR A 28 -3.97 0.75 -0.07
CA TYR A 28 -4.21 -0.66 -0.30
C TYR A 28 -3.04 -1.50 0.21
N CYS A 29 -3.12 -1.86 1.48
CA CYS A 29 -2.07 -2.67 2.10
C CYS A 29 -2.15 -2.46 3.61
N THR A 30 -1.15 -3.01 4.30
CA THR A 30 -1.08 -2.90 5.75
C THR A 30 0.38 -2.88 6.21
N GLY A 31 1.07 -3.97 5.92
CA GLY A 31 2.46 -4.10 6.30
C GLY A 31 2.88 -5.56 6.38
N LYS A 32 3.78 -5.93 5.49
CA LYS A 32 4.28 -7.30 5.44
C LYS A 32 3.11 -8.27 5.68
N SER A 33 1.93 -7.81 5.28
CA SER A 33 0.73 -8.63 5.45
C SER A 33 -0.36 -8.13 4.49
N CYS A 34 0.03 -7.93 3.25
CA CYS A 34 -0.90 -7.46 2.23
C CYS A 34 -0.37 -7.89 0.86
N ASP A 35 -0.74 -7.12 -0.15
CA ASP A 35 -0.32 -7.41 -1.50
C ASP A 35 -1.10 -6.52 -2.49
N CYS A 36 -1.38 -5.31 -2.04
CA CYS A 36 -2.11 -4.36 -2.85
C CYS A 36 -1.16 -3.22 -3.23
N PRO A 37 -1.64 -2.36 -4.18
CA PRO A 37 -0.85 -1.23 -4.62
C PRO A 37 -0.83 -0.11 -3.57
N LEU A 38 0.20 0.71 -3.64
CA LEU A 38 0.36 1.81 -2.72
C LEU A 38 1.03 2.99 -3.43
N TYR A 39 0.48 3.33 -4.59
CA TYR A 39 1.02 4.44 -5.37
C TYR A 39 -0.10 5.16 -6.12
N PRO A 40 0.18 6.45 -6.44
CA PRO A 40 -0.79 7.27 -7.15
C PRO A 40 -0.85 6.88 -8.63
N GLY A 41 -1.76 7.53 -9.34
CA GLY A 41 -1.93 7.27 -10.76
C GLY A 41 -0.59 7.32 -11.49
N CYS A 1 1.13 0.27 -6.70
CA CYS A 1 2.17 -0.13 -5.76
C CYS A 1 3.19 1.00 -5.68
N THR A 2 4.03 0.92 -4.66
CA THR A 2 5.06 1.93 -4.45
C THR A 2 6.46 1.30 -4.53
N THR A 3 6.46 -0.03 -4.56
CA THR A 3 7.72 -0.77 -4.63
C THR A 3 7.48 -2.16 -5.22
N GLY A 4 7.42 -3.14 -4.35
CA GLY A 4 7.20 -4.52 -4.76
C GLY A 4 5.73 -4.92 -4.56
N PRO A 5 5.54 -5.94 -3.68
CA PRO A 5 4.21 -6.44 -3.39
C PRO A 5 3.45 -5.46 -2.49
N CYS A 6 4.21 -4.65 -1.76
CA CYS A 6 3.62 -3.68 -0.86
C CYS A 6 3.40 -4.35 0.49
N CYS A 7 4.19 -3.91 1.47
CA CYS A 7 4.09 -4.46 2.82
C CYS A 7 5.50 -4.71 3.34
N ARG A 8 6.32 -3.68 3.26
CA ARG A 8 7.69 -3.76 3.72
C ARG A 8 8.61 -2.93 2.82
N GLN A 9 8.07 -2.55 1.68
CA GLN A 9 8.82 -1.75 0.71
C GLN A 9 7.88 -0.96 -0.18
N CYS A 10 6.81 -1.64 -0.60
CA CYS A 10 5.82 -1.01 -1.46
C CYS A 10 4.66 -0.53 -0.60
N LYS A 11 4.94 -0.42 0.70
CA LYS A 11 3.91 0.02 1.64
C LYS A 11 4.49 1.16 2.50
N LEU A 12 5.73 1.50 2.22
CA LEU A 12 6.40 2.57 2.95
C LEU A 12 5.34 3.50 3.55
N LYS A 13 4.34 3.81 2.74
CA LYS A 13 3.26 4.69 3.17
C LYS A 13 2.75 4.23 4.54
N PRO A 14 1.80 5.02 5.10
CA PRO A 14 1.23 4.70 6.39
C PRO A 14 0.23 3.54 6.28
N ALA A 15 0.11 2.81 7.38
CA ALA A 15 -0.79 1.67 7.43
C ALA A 15 -2.15 2.09 6.86
N GLY A 16 -2.76 1.16 6.13
CA GLY A 16 -4.06 1.42 5.54
C GLY A 16 -4.73 0.12 5.08
N THR A 17 -5.12 -0.68 6.06
CA THR A 17 -5.76 -1.95 5.78
C THR A 17 -5.21 -2.55 4.49
N THR A 18 -6.12 -3.04 3.65
CA THR A 18 -5.73 -3.64 2.39
C THR A 18 -6.72 -3.26 1.29
N CYS A 19 -6.18 -3.04 0.10
CA CYS A 19 -7.00 -2.67 -1.04
C CYS A 19 -8.05 -1.67 -0.57
N TRP A 20 -7.59 -0.48 -0.23
CA TRP A 20 -8.48 0.57 0.24
C TRP A 20 -8.26 1.81 -0.64
N LYS A 21 -7.15 2.48 -0.38
CA LYS A 21 -6.81 3.68 -1.14
C LYS A 21 -7.35 4.91 -0.40
N THR A 22 -6.45 5.87 -0.19
CA THR A 22 -6.82 7.09 0.51
C THR A 22 -7.30 8.14 -0.50
N SER A 23 -7.25 7.78 -1.77
CA SER A 23 -7.66 8.67 -2.83
C SER A 23 -6.48 9.49 -3.34
N LEU A 24 -5.55 9.74 -2.42
CA LEU A 24 -4.36 10.51 -2.76
C LEU A 24 -3.15 9.57 -2.78
N THR A 25 -2.84 9.04 -1.62
CA THR A 25 -1.71 8.13 -1.48
C THR A 25 -2.04 6.76 -2.09
N SER A 26 -2.82 6.00 -1.35
CA SER A 26 -3.22 4.68 -1.81
C SER A 26 -2.82 3.61 -0.78
N HIS A 27 -3.57 3.58 0.31
CA HIS A 27 -3.30 2.63 1.37
C HIS A 27 -3.08 1.24 0.77
N TYR A 28 -4.17 0.64 0.33
CA TYR A 28 -4.11 -0.69 -0.26
C TYR A 28 -2.97 -1.50 0.35
N CYS A 29 -2.95 -1.53 1.67
CA CYS A 29 -1.92 -2.28 2.39
C CYS A 29 -1.75 -1.65 3.78
N THR A 30 -0.78 -2.17 4.51
CA THR A 30 -0.51 -1.67 5.85
C THR A 30 0.96 -1.87 6.21
N GLY A 31 1.48 -3.03 5.81
CA GLY A 31 2.87 -3.35 6.08
C GLY A 31 3.03 -4.84 6.42
N LYS A 32 3.82 -5.52 5.58
CA LYS A 32 4.05 -6.94 5.79
C LYS A 32 2.76 -7.61 6.24
N SER A 33 1.85 -7.79 5.30
CA SER A 33 0.58 -8.42 5.59
C SER A 33 -0.49 -7.93 4.60
N CYS A 34 -0.05 -7.74 3.36
CA CYS A 34 -0.94 -7.27 2.32
C CYS A 34 -0.45 -7.81 0.97
N ASP A 35 -0.82 -7.12 -0.09
CA ASP A 35 -0.42 -7.52 -1.42
C ASP A 35 -1.19 -6.70 -2.45
N CYS A 36 -1.37 -5.42 -2.13
CA CYS A 36 -2.09 -4.52 -3.01
C CYS A 36 -1.20 -3.31 -3.28
N PRO A 37 -1.45 -2.65 -4.45
CA PRO A 37 -0.68 -1.47 -4.82
C PRO A 37 -1.12 -0.25 -4.02
N LEU A 38 -0.14 0.50 -3.56
CA LEU A 38 -0.41 1.70 -2.78
C LEU A 38 0.27 2.90 -3.44
N TYR A 39 -0.26 3.27 -4.60
CA TYR A 39 0.29 4.39 -5.33
C TYR A 39 -0.70 4.86 -6.41
N PRO A 40 -0.68 6.19 -6.67
CA PRO A 40 -1.55 6.78 -7.68
C PRO A 40 -1.06 6.47 -9.09
N GLY A 41 -1.70 5.49 -9.70
CA GLY A 41 -1.34 5.08 -11.05
C GLY A 41 -2.54 5.16 -11.99
N CYS A 1 2.91 3.28 -4.10
CA CYS A 1 3.51 1.96 -4.02
C CYS A 1 3.67 1.42 -5.44
N THR A 2 4.42 0.33 -5.54
CA THR A 2 4.66 -0.30 -6.83
C THR A 2 5.98 -1.08 -6.80
N THR A 3 6.73 -0.88 -5.73
CA THR A 3 8.01 -1.56 -5.57
C THR A 3 7.81 -3.07 -5.55
N GLY A 4 7.87 -3.62 -4.35
CA GLY A 4 7.70 -5.06 -4.17
C GLY A 4 6.25 -5.40 -3.83
N PRO A 5 6.10 -6.49 -3.01
CA PRO A 5 4.77 -6.92 -2.60
C PRO A 5 4.19 -5.99 -1.54
N CYS A 6 4.26 -4.70 -1.82
CA CYS A 6 3.74 -3.70 -0.90
C CYS A 6 3.51 -4.38 0.46
N CYS A 7 4.41 -4.11 1.38
CA CYS A 7 4.29 -4.68 2.72
C CYS A 7 5.71 -4.73 3.33
N ARG A 8 6.42 -3.63 3.18
CA ARG A 8 7.77 -3.55 3.70
C ARG A 8 8.65 -2.71 2.77
N GLN A 9 8.10 -2.40 1.60
CA GLN A 9 8.83 -1.61 0.62
C GLN A 9 7.86 -0.72 -0.15
N CYS A 10 7.02 -1.37 -0.96
CA CYS A 10 6.05 -0.65 -1.76
C CYS A 10 5.12 0.12 -0.82
N LYS A 11 4.75 -0.54 0.26
CA LYS A 11 3.87 0.06 1.25
C LYS A 11 4.70 0.91 2.22
N LEU A 12 5.42 1.85 1.65
CA LEU A 12 6.26 2.74 2.44
C LEU A 12 5.37 3.69 3.24
N LYS A 13 4.08 3.62 2.96
CA LYS A 13 3.11 4.46 3.65
C LYS A 13 2.67 3.78 4.95
N PRO A 14 2.01 4.58 5.81
CA PRO A 14 1.54 4.06 7.09
C PRO A 14 0.30 3.18 6.91
N ALA A 15 0.37 1.99 7.49
CA ALA A 15 -0.73 1.05 7.40
C ALA A 15 -2.06 1.80 7.51
N GLY A 16 -2.70 1.99 6.36
CA GLY A 16 -3.98 2.70 6.32
C GLY A 16 -5.14 1.70 6.24
N THR A 17 -5.16 0.95 5.17
CA THR A 17 -6.21 -0.04 4.96
C THR A 17 -5.78 -1.07 3.92
N THR A 18 -6.42 -2.23 3.97
CA THR A 18 -6.12 -3.30 3.05
C THR A 18 -6.86 -3.10 1.73
N CYS A 19 -6.09 -2.80 0.69
CA CYS A 19 -6.66 -2.58 -0.62
C CYS A 19 -7.86 -1.64 -0.47
N TRP A 20 -7.57 -0.43 0.00
CA TRP A 20 -8.60 0.56 0.19
C TRP A 20 -8.29 1.76 -0.71
N LYS A 21 -7.12 2.34 -0.49
CA LYS A 21 -6.69 3.47 -1.28
C LYS A 21 -7.44 4.73 -0.81
N THR A 22 -6.67 5.71 -0.36
CA THR A 22 -7.24 6.95 0.12
C THR A 22 -7.75 7.79 -1.05
N SER A 23 -7.36 9.06 -1.03
CA SER A 23 -7.76 9.98 -2.09
C SER A 23 -6.57 10.85 -2.49
N LEU A 24 -5.38 10.37 -2.18
CA LEU A 24 -4.16 11.09 -2.51
C LEU A 24 -2.96 10.16 -2.37
N THR A 25 -3.00 9.35 -1.32
CA THR A 25 -1.93 8.41 -1.06
C THR A 25 -2.23 7.05 -1.70
N SER A 26 -3.30 6.43 -1.21
CA SER A 26 -3.71 5.14 -1.73
C SER A 26 -3.21 4.03 -0.81
N HIS A 27 -3.91 3.87 0.30
CA HIS A 27 -3.55 2.85 1.28
C HIS A 27 -4.18 1.52 0.88
N TYR A 28 -3.43 0.74 0.10
CA TYR A 28 -3.90 -0.55 -0.35
C TYR A 28 -3.01 -1.68 0.17
N CYS A 29 -2.77 -1.64 1.47
CA CYS A 29 -1.94 -2.66 2.10
C CYS A 29 -2.02 -2.47 3.62
N THR A 30 -0.95 -2.89 4.29
CA THR A 30 -0.89 -2.77 5.74
C THR A 30 0.56 -2.84 6.22
N GLY A 31 1.33 -3.70 5.57
CA GLY A 31 2.72 -3.88 5.92
C GLY A 31 3.05 -5.35 6.15
N LYS A 32 3.94 -5.87 5.32
CA LYS A 32 4.34 -7.26 5.42
C LYS A 32 3.17 -8.16 5.00
N SER A 33 2.07 -8.02 5.73
CA SER A 33 0.88 -8.81 5.45
C SER A 33 -0.02 -8.07 4.46
N CYS A 34 0.40 -8.08 3.20
CA CYS A 34 -0.35 -7.42 2.15
C CYS A 34 0.42 -7.56 0.85
N ASP A 35 -0.20 -7.09 -0.23
CA ASP A 35 0.42 -7.16 -1.54
C ASP A 35 -0.46 -6.41 -2.55
N CYS A 36 -1.09 -5.35 -2.07
CA CYS A 36 -1.96 -4.55 -2.91
C CYS A 36 -1.22 -3.26 -3.28
N PRO A 37 -1.60 -2.69 -4.45
CA PRO A 37 -0.97 -1.46 -4.92
C PRO A 37 -1.49 -0.25 -4.14
N LEU A 38 -0.55 0.47 -3.54
CA LEU A 38 -0.89 1.64 -2.75
C LEU A 38 -0.72 2.89 -3.62
N TYR A 39 -1.33 2.85 -4.79
CA TYR A 39 -1.26 3.96 -5.72
C TYR A 39 -1.69 3.55 -7.13
N PRO A 40 -1.02 2.48 -7.64
CA PRO A 40 -1.34 1.97 -8.96
C PRO A 40 -2.65 1.19 -8.96
N GLY A 41 -3.26 1.11 -10.13
CA GLY A 41 -4.52 0.40 -10.27
C GLY A 41 -4.29 -1.07 -10.66
N CYS A 1 2.81 3.84 -4.00
CA CYS A 1 3.55 2.60 -3.87
C CYS A 1 3.73 2.00 -5.26
N THR A 2 4.87 1.35 -5.45
CA THR A 2 5.17 0.73 -6.74
C THR A 2 6.44 -0.11 -6.64
N THR A 3 6.70 -0.60 -5.42
CA THR A 3 7.87 -1.42 -5.18
C THR A 3 7.56 -2.89 -5.46
N GLY A 4 7.22 -3.60 -4.39
CA GLY A 4 6.90 -5.01 -4.51
C GLY A 4 5.54 -5.32 -3.88
N PRO A 5 5.57 -6.21 -2.84
CA PRO A 5 4.35 -6.59 -2.16
C PRO A 5 3.87 -5.47 -1.22
N CYS A 6 4.48 -4.31 -1.39
CA CYS A 6 4.13 -3.16 -0.57
C CYS A 6 4.56 -3.44 0.86
N CYS A 7 4.06 -4.55 1.40
CA CYS A 7 4.38 -4.94 2.76
C CYS A 7 5.91 -4.91 2.91
N ARG A 8 6.42 -3.73 3.24
CA ARG A 8 7.84 -3.56 3.42
C ARG A 8 8.50 -3.14 2.09
N GLN A 9 7.70 -3.15 1.04
CA GLN A 9 8.18 -2.77 -0.28
C GLN A 9 7.04 -2.22 -1.12
N CYS A 10 6.70 -0.97 -0.87
CA CYS A 10 5.62 -0.32 -1.60
C CYS A 10 4.75 0.45 -0.60
N LYS A 11 4.25 -0.29 0.39
CA LYS A 11 3.41 0.31 1.42
C LYS A 11 4.27 1.19 2.32
N LEU A 12 5.30 1.78 1.72
CA LEU A 12 6.20 2.65 2.45
C LEU A 12 5.38 3.67 3.24
N LYS A 13 4.13 3.84 2.81
CA LYS A 13 3.24 4.78 3.46
C LYS A 13 2.76 4.19 4.78
N PRO A 14 1.91 4.99 5.50
CA PRO A 14 1.38 4.56 6.78
C PRO A 14 0.28 3.51 6.58
N ALA A 15 0.46 2.69 5.57
CA ALA A 15 -0.50 1.65 5.26
C ALA A 15 -1.91 2.16 5.58
N GLY A 16 -2.80 1.21 5.86
CA GLY A 16 -4.17 1.54 6.18
C GLY A 16 -5.07 0.31 6.11
N THR A 17 -5.27 -0.18 4.89
CA THR A 17 -6.11 -1.35 4.68
C THR A 17 -5.31 -2.43 3.95
N THR A 18 -5.98 -3.08 3.00
CA THR A 18 -5.35 -4.12 2.22
C THR A 18 -5.59 -3.91 0.73
N CYS A 19 -6.26 -2.80 0.42
CA CYS A 19 -6.56 -2.47 -0.96
C CYS A 19 -7.54 -1.29 -0.96
N TRP A 20 -7.29 -0.35 -0.05
CA TRP A 20 -8.15 0.83 0.06
C TRP A 20 -7.26 2.06 -0.10
N LYS A 21 -7.28 2.61 -1.31
CA LYS A 21 -6.50 3.80 -1.60
C LYS A 21 -7.25 5.04 -1.13
N THR A 22 -6.54 5.86 -0.36
CA THR A 22 -7.13 7.08 0.16
C THR A 22 -6.98 7.14 1.68
N SER A 23 -7.99 7.68 2.32
CA SER A 23 -7.98 7.81 3.77
C SER A 23 -6.76 8.62 4.22
N LEU A 24 -6.20 9.35 3.27
CA LEU A 24 -5.04 10.18 3.54
C LEU A 24 -3.88 9.74 2.63
N THR A 25 -4.12 8.65 1.92
CA THR A 25 -3.11 8.13 1.01
C THR A 25 -3.38 6.65 0.69
N SER A 26 -2.97 6.24 -0.50
CA SER A 26 -3.17 4.87 -0.92
C SER A 26 -2.91 3.92 0.25
N HIS A 27 -4.00 3.41 0.80
CA HIS A 27 -3.91 2.49 1.91
C HIS A 27 -4.23 1.07 1.44
N TYR A 28 -3.75 0.76 0.24
CA TYR A 28 -3.99 -0.56 -0.33
C TYR A 28 -3.04 -1.60 0.27
N CYS A 29 -2.73 -1.39 1.55
CA CYS A 29 -1.84 -2.30 2.25
C CYS A 29 -1.87 -1.93 3.74
N THR A 30 -1.17 -2.74 4.53
CA THR A 30 -1.10 -2.52 5.95
C THR A 30 0.35 -2.47 6.43
N GLY A 31 1.18 -3.27 5.78
CA GLY A 31 2.59 -3.33 6.10
C GLY A 31 2.97 -4.71 6.65
N LYS A 32 3.73 -5.44 5.85
CA LYS A 32 4.17 -6.77 6.23
C LYS A 32 3.07 -7.78 5.88
N SER A 33 1.88 -7.51 6.38
CA SER A 33 0.75 -8.38 6.12
C SER A 33 -0.26 -7.70 5.19
N CYS A 34 0.03 -7.81 3.90
CA CYS A 34 -0.83 -7.20 2.89
C CYS A 34 -0.44 -7.77 1.53
N ASP A 35 -0.66 -6.97 0.50
CA ASP A 35 -0.33 -7.37 -0.86
C ASP A 35 -1.22 -6.60 -1.84
N CYS A 36 -0.96 -5.32 -1.93
CA CYS A 36 -1.73 -4.46 -2.83
C CYS A 36 -0.94 -3.17 -3.06
N PRO A 37 -1.11 -2.59 -4.27
CA PRO A 37 -0.43 -1.36 -4.62
C PRO A 37 -1.08 -0.16 -3.93
N LEU A 38 -0.23 0.74 -3.45
CA LEU A 38 -0.70 1.92 -2.77
C LEU A 38 -0.28 3.17 -3.56
N TYR A 39 -0.86 3.31 -4.73
CA TYR A 39 -0.55 4.44 -5.59
C TYR A 39 -1.67 4.69 -6.60
N PRO A 40 -2.08 5.98 -6.68
CA PRO A 40 -3.15 6.37 -7.59
C PRO A 40 -2.65 6.40 -9.04
N GLY A 41 -2.98 5.34 -9.77
CA GLY A 41 -2.57 5.23 -11.15
C GLY A 41 -3.28 6.29 -12.01
N CYS A 1 0.92 -0.48 -6.68
CA CYS A 1 2.12 -0.83 -5.95
C CYS A 1 3.12 0.32 -6.09
N THR A 2 4.36 0.04 -5.74
CA THR A 2 5.42 1.04 -5.82
C THR A 2 6.79 0.37 -5.79
N THR A 3 6.77 -0.94 -5.54
CA THR A 3 8.01 -1.70 -5.48
C THR A 3 7.73 -3.18 -5.74
N GLY A 4 7.47 -3.89 -4.66
CA GLY A 4 7.18 -5.32 -4.76
C GLY A 4 5.84 -5.66 -4.10
N PRO A 5 5.92 -6.38 -2.95
CA PRO A 5 4.73 -6.78 -2.23
C PRO A 5 4.13 -5.59 -1.48
N CYS A 6 4.75 -4.44 -1.67
CA CYS A 6 4.29 -3.22 -1.01
C CYS A 6 4.55 -3.35 0.49
N CYS A 7 3.98 -4.41 1.06
CA CYS A 7 4.14 -4.66 2.49
C CYS A 7 5.63 -4.59 2.82
N ARG A 8 6.00 -3.51 3.49
CA ARG A 8 7.39 -3.32 3.88
C ARG A 8 8.25 -3.04 2.65
N GLN A 9 7.62 -2.46 1.65
CA GLN A 9 8.30 -2.13 0.41
C GLN A 9 7.56 -1.01 -0.33
N CYS A 10 6.59 -1.41 -1.13
CA CYS A 10 5.79 -0.46 -1.89
C CYS A 10 4.55 -0.10 -1.07
N LYS A 11 4.74 -0.06 0.24
CA LYS A 11 3.65 0.27 1.15
C LYS A 11 4.18 1.13 2.29
N LEU A 12 5.24 1.88 1.98
CA LEU A 12 5.85 2.75 2.98
C LEU A 12 4.75 3.51 3.72
N LYS A 13 3.59 3.57 3.10
CA LYS A 13 2.45 4.26 3.70
C LYS A 13 2.43 3.98 5.20
N PRO A 14 1.66 4.83 5.93
CA PRO A 14 1.54 4.70 7.37
C PRO A 14 0.62 3.52 7.73
N ALA A 15 0.66 2.51 6.88
CA ALA A 15 -0.16 1.32 7.09
C ALA A 15 -1.63 1.73 7.12
N GLY A 16 -2.35 1.30 6.09
CA GLY A 16 -3.77 1.62 5.99
C GLY A 16 -4.63 0.42 6.38
N THR A 17 -4.93 -0.41 5.40
CA THR A 17 -5.73 -1.59 5.62
C THR A 17 -5.48 -2.64 4.53
N THR A 18 -6.49 -2.83 3.70
CA THR A 18 -6.38 -3.78 2.61
C THR A 18 -7.15 -3.26 1.37
N CYS A 19 -6.38 -2.88 0.36
CA CYS A 19 -6.96 -2.37 -0.86
C CYS A 19 -8.14 -1.46 -0.50
N TRP A 20 -7.82 -0.20 -0.27
CA TRP A 20 -8.83 0.78 0.08
C TRP A 20 -8.49 2.09 -0.61
N LYS A 21 -7.24 2.51 -0.45
CA LYS A 21 -6.77 3.75 -1.05
C LYS A 21 -7.38 4.93 -0.31
N THR A 22 -6.53 5.87 0.05
CA THR A 22 -6.97 7.06 0.76
C THR A 22 -5.79 8.00 1.02
N SER A 23 -6.09 9.09 1.71
CA SER A 23 -5.07 10.07 2.03
C SER A 23 -4.32 10.48 0.74
N LEU A 24 -4.99 10.32 -0.38
CA LEU A 24 -4.40 10.65 -1.66
C LEU A 24 -3.36 9.59 -2.04
N THR A 25 -3.30 8.56 -1.20
CA THR A 25 -2.35 7.49 -1.44
C THR A 25 -3.05 6.13 -1.39
N SER A 26 -2.80 5.33 -2.41
CA SER A 26 -3.41 4.01 -2.48
C SER A 26 -2.99 3.17 -1.28
N HIS A 27 -3.53 3.53 -0.13
CA HIS A 27 -3.23 2.81 1.10
C HIS A 27 -3.27 1.31 0.84
N TYR A 28 -4.00 0.94 -0.19
CA TYR A 28 -4.13 -0.46 -0.56
C TYR A 28 -2.97 -1.29 0.01
N CYS A 29 -3.06 -1.56 1.30
CA CYS A 29 -2.04 -2.35 1.98
C CYS A 29 -2.09 -2.01 3.47
N THR A 30 -1.05 -2.43 4.18
CA THR A 30 -0.95 -2.19 5.60
C THR A 30 0.51 -2.17 6.05
N GLY A 31 1.23 -3.20 5.67
CA GLY A 31 2.63 -3.31 6.02
C GLY A 31 2.98 -4.74 6.43
N LYS A 32 3.81 -5.37 5.61
CA LYS A 32 4.23 -6.74 5.88
C LYS A 32 3.07 -7.69 5.59
N SER A 33 1.94 -7.40 6.21
CA SER A 33 0.75 -8.23 6.02
C SER A 33 -0.18 -7.57 5.00
N CYS A 34 0.21 -7.67 3.74
CA CYS A 34 -0.58 -7.09 2.65
C CYS A 34 0.02 -7.56 1.33
N ASP A 35 -0.40 -6.88 0.27
CA ASP A 35 0.08 -7.21 -1.07
C ASP A 35 -0.77 -6.48 -2.10
N CYS A 36 -1.07 -5.23 -1.81
CA CYS A 36 -1.87 -4.41 -2.69
C CYS A 36 -1.00 -3.25 -3.20
N PRO A 37 -1.42 -2.67 -4.36
CA PRO A 37 -0.69 -1.56 -4.94
C PRO A 37 -0.96 -0.27 -4.16
N LEU A 38 0.08 0.55 -4.08
CA LEU A 38 -0.01 1.82 -3.37
C LEU A 38 0.63 2.92 -4.22
N TYR A 39 0.09 3.11 -5.40
CA TYR A 39 0.61 4.12 -6.32
C TYR A 39 -0.44 5.20 -6.58
N PRO A 40 0.06 6.46 -6.75
CA PRO A 40 -0.82 7.58 -7.02
C PRO A 40 -1.32 7.55 -8.45
N GLY A 41 -2.62 7.75 -8.60
CA GLY A 41 -3.25 7.76 -9.91
C GLY A 41 -4.75 7.53 -9.82
N CYS A 1 2.75 1.23 -3.76
CA CYS A 1 3.54 2.34 -4.28
C CYS A 1 3.90 2.02 -5.74
N THR A 2 4.32 0.79 -5.95
CA THR A 2 4.70 0.36 -7.29
C THR A 2 5.60 -0.88 -7.20
N THR A 3 6.34 -0.96 -6.11
CA THR A 3 7.25 -2.08 -5.89
C THR A 3 6.51 -3.41 -6.12
N GLY A 4 6.69 -4.31 -5.16
CA GLY A 4 6.05 -5.61 -5.24
C GLY A 4 4.81 -5.68 -4.34
N PRO A 5 4.92 -6.50 -3.26
CA PRO A 5 3.82 -6.65 -2.33
C PRO A 5 3.69 -5.42 -1.42
N CYS A 6 4.24 -4.31 -1.91
CA CYS A 6 4.19 -3.07 -1.16
C CYS A 6 4.71 -3.34 0.25
N CYS A 7 4.02 -4.24 0.94
CA CYS A 7 4.41 -4.60 2.30
C CYS A 7 5.93 -4.66 2.37
N ARG A 8 6.51 -3.67 3.03
CA ARG A 8 7.95 -3.61 3.17
C ARG A 8 8.57 -2.83 2.00
N GLN A 9 7.76 -2.64 0.97
CA GLN A 9 8.21 -1.92 -0.21
C GLN A 9 7.05 -1.15 -0.84
N CYS A 10 6.63 -0.11 -0.13
CA CYS A 10 5.53 0.73 -0.60
C CYS A 10 4.67 1.09 0.60
N LYS A 11 4.15 0.06 1.27
CA LYS A 11 3.31 0.26 2.42
C LYS A 11 3.99 1.23 3.39
N LEU A 12 5.21 1.61 3.02
CA LEU A 12 5.97 2.53 3.85
C LEU A 12 5.04 3.55 4.48
N LYS A 13 3.91 3.77 3.82
CA LYS A 13 2.93 4.71 4.31
C LYS A 13 2.58 4.39 5.77
N PRO A 14 1.78 5.30 6.39
CA PRO A 14 1.38 5.11 7.77
C PRO A 14 0.29 4.04 7.89
N ALA A 15 0.52 2.94 7.18
CA ALA A 15 -0.43 1.83 7.20
C ALA A 15 -1.80 2.33 6.74
N GLY A 16 -2.53 1.45 6.09
CA GLY A 16 -3.85 1.78 5.60
C GLY A 16 -4.80 0.57 5.68
N THR A 17 -4.72 -0.28 4.66
CA THR A 17 -5.55 -1.46 4.61
C THR A 17 -4.91 -2.51 3.70
N THR A 18 -5.77 -3.25 3.01
CA THR A 18 -5.31 -4.30 2.12
C THR A 18 -5.86 -4.06 0.71
N CYS A 19 -6.53 -2.94 0.54
CA CYS A 19 -7.10 -2.59 -0.74
C CYS A 19 -8.11 -1.46 -0.53
N TRP A 20 -7.62 -0.34 -0.03
CA TRP A 20 -8.46 0.81 0.23
C TRP A 20 -8.08 1.90 -0.76
N LYS A 21 -6.90 2.47 -0.55
CA LYS A 21 -6.40 3.53 -1.42
C LYS A 21 -7.16 4.83 -1.10
N THR A 22 -6.40 5.83 -0.70
CA THR A 22 -6.97 7.13 -0.38
C THR A 22 -7.29 7.90 -1.65
N SER A 23 -6.55 8.97 -1.85
CA SER A 23 -6.74 9.82 -3.03
C SER A 23 -5.40 10.42 -3.46
N LEU A 24 -4.33 9.82 -2.97
CA LEU A 24 -2.99 10.28 -3.30
C LEU A 24 -1.98 9.18 -3.00
N THR A 25 -1.77 8.94 -1.72
CA THR A 25 -0.84 7.91 -1.28
C THR A 25 -1.28 6.54 -1.79
N SER A 26 -2.57 6.26 -1.60
CA SER A 26 -3.12 5.00 -2.02
C SER A 26 -2.62 3.86 -1.12
N HIS A 27 -3.36 3.63 -0.05
CA HIS A 27 -3.00 2.59 0.89
C HIS A 27 -2.94 1.25 0.18
N TYR A 28 -3.97 0.44 0.40
CA TYR A 28 -4.04 -0.87 -0.22
C TYR A 28 -2.92 -1.78 0.29
N CYS A 29 -2.59 -1.59 1.56
CA CYS A 29 -1.55 -2.38 2.19
C CYS A 29 -1.30 -1.84 3.60
N THR A 30 -0.53 -2.59 4.37
CA THR A 30 -0.21 -2.20 5.73
C THR A 30 1.29 -2.26 5.97
N GLY A 31 1.78 -3.48 6.13
CA GLY A 31 3.20 -3.70 6.37
C GLY A 31 3.51 -5.18 6.56
N LYS A 32 4.20 -5.74 5.58
CA LYS A 32 4.57 -7.15 5.63
C LYS A 32 3.30 -8.00 5.53
N SER A 33 3.00 -8.41 4.30
CA SER A 33 1.83 -9.23 4.07
C SER A 33 0.92 -8.56 3.03
N CYS A 34 -0.04 -7.80 3.53
CA CYS A 34 -0.97 -7.10 2.68
C CYS A 34 -1.12 -7.89 1.38
N ASP A 35 -1.23 -7.16 0.28
CA ASP A 35 -1.37 -7.78 -1.02
C ASP A 35 -2.20 -6.87 -1.93
N CYS A 36 -1.70 -5.65 -2.10
CA CYS A 36 -2.38 -4.68 -2.94
C CYS A 36 -1.42 -3.52 -3.20
N PRO A 37 -1.59 -2.90 -4.40
CA PRO A 37 -0.73 -1.78 -4.78
C PRO A 37 -1.15 -0.51 -4.04
N LEU A 38 -0.14 0.25 -3.64
CA LEU A 38 -0.38 1.50 -2.92
C LEU A 38 -0.16 2.67 -3.86
N TYR A 39 -0.71 2.56 -5.06
CA TYR A 39 -0.59 3.60 -6.05
C TYR A 39 -1.61 3.44 -7.16
N PRO A 40 -2.01 4.59 -7.76
CA PRO A 40 -2.99 4.58 -8.83
C PRO A 40 -2.36 4.09 -10.14
N GLY A 41 -1.88 2.85 -10.10
CA GLY A 41 -1.26 2.26 -11.26
C GLY A 41 -0.63 0.90 -10.93
N CYS A 1 2.46 3.65 -3.94
CA CYS A 1 3.41 2.57 -3.82
C CYS A 1 3.72 2.05 -5.23
N THR A 2 4.89 1.42 -5.36
CA THR A 2 5.31 0.88 -6.64
C THR A 2 6.59 0.06 -6.47
N THR A 3 6.46 -1.03 -5.73
CA THR A 3 7.60 -1.90 -5.48
C THR A 3 7.20 -3.36 -5.69
N GLY A 4 6.86 -4.00 -4.58
CA GLY A 4 6.45 -5.41 -4.62
C GLY A 4 5.14 -5.62 -3.87
N PRO A 5 5.24 -6.41 -2.78
CA PRO A 5 4.07 -6.71 -1.96
C PRO A 5 3.69 -5.50 -1.09
N CYS A 6 4.36 -4.39 -1.35
CA CYS A 6 4.10 -3.17 -0.61
C CYS A 6 4.45 -3.42 0.86
N CYS A 7 3.83 -4.45 1.41
CA CYS A 7 4.05 -4.81 2.80
C CYS A 7 5.56 -4.87 3.04
N ARG A 8 6.14 -3.70 3.28
CA ARG A 8 7.57 -3.60 3.52
C ARG A 8 8.29 -3.16 2.25
N GLN A 9 7.58 -3.24 1.14
CA GLN A 9 8.15 -2.86 -0.15
C GLN A 9 7.07 -2.24 -1.03
N CYS A 10 6.72 -1.00 -0.72
CA CYS A 10 5.72 -0.28 -1.48
C CYS A 10 4.82 0.47 -0.51
N LYS A 11 4.25 -0.27 0.43
CA LYS A 11 3.38 0.32 1.43
C LYS A 11 4.20 1.18 2.39
N LEU A 12 5.20 1.86 1.81
CA LEU A 12 6.06 2.72 2.59
C LEU A 12 5.21 3.62 3.47
N LYS A 13 3.92 3.66 3.16
CA LYS A 13 2.99 4.49 3.92
C LYS A 13 3.00 4.04 5.38
N PRO A 14 2.54 4.96 6.27
CA PRO A 14 2.49 4.67 7.69
C PRO A 14 1.33 3.74 8.02
N ALA A 15 1.25 2.67 7.25
CA ALA A 15 0.18 1.70 7.45
C ALA A 15 -1.14 2.28 7.00
N GLY A 16 -1.75 1.63 6.02
CA GLY A 16 -3.02 2.08 5.48
C GLY A 16 -4.13 1.07 5.78
N THR A 17 -4.45 0.28 4.76
CA THR A 17 -5.49 -0.73 4.89
C THR A 17 -5.14 -1.96 4.06
N THR A 18 -6.02 -2.27 3.11
CA THR A 18 -5.81 -3.41 2.24
C THR A 18 -6.67 -3.28 0.98
N CYS A 19 -5.99 -3.19 -0.15
CA CYS A 19 -6.68 -3.07 -1.42
C CYS A 19 -7.90 -2.17 -1.23
N TRP A 20 -7.63 -0.96 -0.78
CA TRP A 20 -8.69 0.01 -0.55
C TRP A 20 -8.33 1.30 -1.28
N LYS A 21 -7.34 2.00 -0.74
CA LYS A 21 -6.89 3.25 -1.33
C LYS A 21 -7.69 4.40 -0.74
N THR A 22 -6.98 5.35 -0.16
CA THR A 22 -7.61 6.51 0.45
C THR A 22 -8.03 7.51 -0.63
N SER A 23 -8.61 8.60 -0.18
CA SER A 23 -9.07 9.64 -1.09
C SER A 23 -7.94 10.65 -1.33
N LEU A 24 -6.75 10.27 -0.90
CA LEU A 24 -5.59 11.12 -1.06
C LEU A 24 -4.44 10.32 -1.68
N THR A 25 -3.82 9.49 -0.84
CA THR A 25 -2.72 8.67 -1.30
C THR A 25 -3.22 7.29 -1.73
N SER A 26 -3.07 6.33 -0.84
CA SER A 26 -3.50 4.97 -1.12
C SER A 26 -3.12 4.05 0.04
N HIS A 27 -4.15 3.52 0.69
CA HIS A 27 -3.94 2.62 1.82
C HIS A 27 -4.12 1.17 1.36
N TYR A 28 -3.79 0.94 0.11
CA TYR A 28 -3.92 -0.40 -0.47
C TYR A 28 -2.89 -1.36 0.16
N CYS A 29 -2.77 -1.27 1.47
CA CYS A 29 -1.83 -2.12 2.19
C CYS A 29 -1.81 -1.67 3.65
N THR A 30 -1.21 -2.51 4.48
CA THR A 30 -1.11 -2.22 5.90
C THR A 30 0.35 -2.20 6.35
N GLY A 31 1.10 -3.18 5.86
CA GLY A 31 2.51 -3.28 6.19
C GLY A 31 2.85 -4.68 6.70
N LYS A 32 3.55 -5.43 5.86
CA LYS A 32 3.95 -6.78 6.21
C LYS A 32 2.76 -7.72 6.02
N SER A 33 2.87 -8.53 4.96
CA SER A 33 1.81 -9.48 4.65
C SER A 33 0.75 -8.81 3.78
N CYS A 34 1.21 -8.21 2.69
CA CYS A 34 0.31 -7.53 1.76
C CYS A 34 0.70 -7.93 0.35
N ASP A 35 0.12 -7.21 -0.61
CA ASP A 35 0.40 -7.48 -2.01
C ASP A 35 -0.53 -6.63 -2.88
N CYS A 36 -0.71 -5.39 -2.45
CA CYS A 36 -1.57 -4.46 -3.18
C CYS A 36 -0.81 -3.14 -3.35
N PRO A 37 -0.99 -2.53 -4.55
CA PRO A 37 -0.33 -1.28 -4.86
C PRO A 37 -1.01 -0.12 -4.13
N LEU A 38 -0.18 0.76 -3.59
CA LEU A 38 -0.69 1.91 -2.86
C LEU A 38 -0.45 3.18 -3.69
N TYR A 39 -0.98 3.15 -4.91
CA TYR A 39 -0.85 4.29 -5.82
C TYR A 39 -2.15 4.54 -6.57
N PRO A 40 -2.46 5.85 -6.74
CA PRO A 40 -3.66 6.24 -7.46
C PRO A 40 -3.51 6.05 -8.96
N GLY A 41 -4.53 5.46 -9.56
CA GLY A 41 -4.52 5.21 -10.99
C GLY A 41 -4.57 6.52 -11.78
N CYS A 1 2.09 1.68 -5.15
CA CYS A 1 3.04 1.28 -4.92
C CYS A 1 3.52 1.32 -5.62
N THR A 2 4.40 0.77 -5.54
CA THR A 2 4.95 0.74 -6.15
C THR A 2 6.18 -0.11 -6.20
N THR A 3 6.51 -0.78 -5.52
CA THR A 3 7.67 -1.62 -5.48
C THR A 3 7.28 -3.04 -5.75
N GLY A 4 7.06 -3.78 -4.73
CA GLY A 4 6.68 -5.15 -4.85
C GLY A 4 5.38 -5.44 -4.17
N PRO A 5 5.47 -6.27 -3.14
CA PRO A 5 4.30 -6.63 -2.40
C PRO A 5 3.85 -5.50 -1.52
N CYS A 6 4.42 -4.40 -1.67
CA CYS A 6 4.08 -3.25 -0.90
C CYS A 6 4.27 -3.61 0.53
N CYS A 7 3.96 -4.23 1.20
CA CYS A 7 4.09 -4.63 2.58
C CYS A 7 5.56 -4.70 2.91
N ARG A 8 6.17 -3.63 3.18
CA ARG A 8 7.58 -3.56 3.51
C ARG A 8 8.35 -2.88 2.42
N GLN A 9 7.71 -2.69 1.33
CA GLN A 9 8.32 -2.05 0.21
C GLN A 9 7.42 -1.12 -0.45
N CYS A 10 6.62 -1.07 -0.90
CA CYS A 10 5.72 -0.22 -1.56
C CYS A 10 4.70 0.31 -0.60
N LYS A 11 4.58 -0.18 0.52
CA LYS A 11 3.65 0.24 1.52
C LYS A 11 4.36 1.09 2.54
N LEU A 12 5.31 1.81 2.13
CA LEU A 12 6.07 2.66 2.99
C LEU A 12 5.13 3.56 3.75
N LYS A 13 3.93 3.66 3.28
CA LYS A 13 2.94 4.49 3.91
C LYS A 13 2.71 4.03 5.32
N PRO A 14 2.02 4.86 6.11
CA PRO A 14 1.74 4.54 7.47
C PRO A 14 0.65 3.50 7.59
N ALA A 15 0.64 2.56 7.15
CA ALA A 15 -0.33 1.51 7.21
C ALA A 15 -1.70 2.06 6.97
N GLY A 16 -2.40 1.47 6.14
CA GLY A 16 -3.70 1.90 5.83
C GLY A 16 -4.65 0.77 5.78
N THR A 17 -5.03 0.14 5.08
CA THR A 17 -5.93 -0.95 4.95
C THR A 17 -5.50 -1.87 3.86
N THR A 18 -6.19 -2.75 3.50
CA THR A 18 -5.89 -3.70 2.48
C THR A 18 -6.60 -3.36 1.20
N CYS A 19 -6.25 -3.01 0.33
CA CYS A 19 -6.83 -2.66 -0.94
C CYS A 19 -7.95 -1.67 -0.68
N TRP A 20 -7.56 -0.51 -0.21
CA TRP A 20 -8.51 0.53 0.09
C TRP A 20 -8.16 1.73 -0.67
N LYS A 21 -7.13 2.34 -0.54
CA LYS A 21 -6.68 3.50 -1.21
C LYS A 21 -7.36 4.72 -0.78
N THR A 22 -6.56 5.67 -0.41
CA THR A 22 -7.07 6.89 0.02
C THR A 22 -7.23 7.80 -0.76
N SER A 23 -7.11 8.60 -0.90
CA SER A 23 -7.23 9.52 -1.61
C SER A 23 -6.08 10.26 -1.88
N LEU A 24 -5.25 9.99 -1.49
CA LEU A 24 -4.10 10.62 -1.68
C LEU A 24 -2.96 9.71 -1.77
N THR A 25 -2.84 8.98 -0.99
CA THR A 25 -1.80 8.07 -0.97
C THR A 25 -2.24 6.72 -1.38
N SER A 26 -2.74 6.06 -1.39
CA SER A 26 -3.21 4.77 -1.76
C SER A 26 -2.79 3.76 -0.72
N HIS A 27 -3.60 3.54 0.20
CA HIS A 27 -3.33 2.61 1.27
C HIS A 27 -3.52 1.22 0.78
N TYR A 28 -3.82 0.63 0.19
CA TYR A 28 -4.03 -0.70 -0.33
C TYR A 28 -3.05 -1.67 0.28
N CYS A 29 -2.83 -1.59 1.54
CA CYS A 29 -1.92 -2.46 2.24
C CYS A 29 -1.85 -2.03 3.68
N THR A 30 -0.95 -2.56 4.41
CA THR A 30 -0.77 -2.24 5.79
C THR A 30 0.69 -2.30 6.18
N GLY A 31 1.37 -3.24 5.74
CA GLY A 31 2.78 -3.41 6.02
C GLY A 31 3.08 -4.84 6.43
N LYS A 32 3.82 -5.51 5.60
CA LYS A 32 4.19 -6.88 5.85
C LYS A 32 3.11 -7.77 5.63
N SER A 33 2.45 -8.16 5.37
CA SER A 33 1.40 -9.02 5.14
C SER A 33 0.35 -8.43 4.22
N CYS A 34 0.57 -7.96 3.27
CA CYS A 34 -0.34 -7.37 2.33
C CYS A 34 0.06 -7.81 0.96
N ASP A 35 -0.42 -7.18 -0.04
CA ASP A 35 -0.12 -7.50 -1.39
C ASP A 35 -1.00 -6.66 -2.32
N CYS A 36 -1.10 -5.47 -2.05
CA CYS A 36 -1.90 -4.56 -2.86
C CYS A 36 -1.07 -3.32 -3.15
N PRO A 37 -1.31 -2.73 -4.32
CA PRO A 37 -0.60 -1.54 -4.73
C PRO A 37 -1.08 -0.32 -4.00
N LEU A 38 -0.16 0.51 -3.60
CA LEU A 38 -0.47 1.71 -2.90
C LEU A 38 -0.07 2.89 -3.74
N TYR A 39 -0.64 2.99 -4.90
CA TYR A 39 -0.34 4.06 -5.80
C TYR A 39 -1.23 4.25 -6.73
N PRO A 40 -1.40 5.27 -7.09
CA PRO A 40 -2.21 5.57 -7.97
C PRO A 40 -1.93 5.45 -9.16
N GLY A 41 -2.05 5.10 -9.86
CA GLY A 41 -1.81 4.97 -11.02
C GLY A 41 -1.88 4.67 -11.62
#